data_5IVG
#
_entry.id   5IVG
#
_cell.length_a   123.407
_cell.length_b   123.407
_cell.length_c   203.455
_cell.angle_alpha   90.00
_cell.angle_beta   90.00
_cell.angle_gamma   120.00
#
_symmetry.space_group_name_H-M   'P 31 2 1'
#
loop_
_entity.id
_entity.type
_entity.pdbx_description
1 polymer 'Aristolochene synthase'
2 non-polymer 'MAGNESIUM ION'
3 non-polymer 'S-[(2E,6E)-3,7,11-TRIMETHYLDODECA-2,6,10-TRIENYL] TRIHYDROGEN THIODIPHOSPHATE'
4 non-polymer GLYCEROL
5 water water
#
_entity_poly.entity_id   1
_entity_poly.type   'polypeptide(L)'
_entity_poly.pdbx_seq_one_letter_code
;MHHHHHHLEPPPSTFQPLCHPLVEEVSKEVDGYFLQHWNFPNEKARKKFVAAGFSRVTCLYFPKALDDRIHFACRLLTVL
FLIDDLLEYMSFEEGSAYNEKLIPISRGDVLPDRSIPVEYIIYDLWESMRAHDREMADEILEPVFLFMRAQTDRTRARPM
GLGGYLEYRERDVGKELLAALMRFSMGLKLSPSELQRVREIDANCSKHLSVVNDIYSYEKELYTSKTAHSEGGILCTSVQ
ILAQEADVTAEAAKRVLFVMCREWELRHQLLVARLSAEGLETPGLAAYVEGLEYQMSGAELWSQTTLRYSVVVD
;
_entity_poly.pdbx_strand_id   A,B,C,D
#
# COMPACT_ATOMS: atom_id res chain seq x y z
N LEU A 8 27.65 18.18 27.48
CA LEU A 8 26.33 17.95 26.88
C LEU A 8 25.88 16.48 26.94
N GLU A 9 25.00 16.16 27.88
CA GLU A 9 24.53 14.78 28.01
C GLU A 9 23.43 14.48 26.99
N PRO A 10 23.66 13.57 26.07
CA PRO A 10 22.58 13.24 25.11
C PRO A 10 21.40 12.61 25.81
N PRO A 11 20.18 12.99 25.45
CA PRO A 11 19.01 12.31 26.03
C PRO A 11 18.95 10.86 25.54
N PRO A 12 18.20 9.99 26.21
CA PRO A 12 18.23 8.56 25.86
C PRO A 12 17.79 8.28 24.45
N SER A 13 18.37 7.28 23.83
CA SER A 13 17.94 6.83 22.50
C SER A 13 17.70 5.33 22.50
N THR A 14 16.75 4.84 21.70
CA THR A 14 16.59 3.39 21.59
C THR A 14 17.44 2.82 20.45
N PHE A 15 18.13 3.68 19.71
CA PHE A 15 18.87 3.22 18.54
C PHE A 15 20.25 2.64 18.99
N GLN A 16 20.66 1.51 18.43
CA GLN A 16 21.99 0.95 18.71
C GLN A 16 22.92 1.23 17.48
N PRO A 17 23.89 2.15 17.61
CA PRO A 17 24.83 2.34 16.49
C PRO A 17 25.67 1.09 16.24
N LEU A 18 26.04 0.83 14.99
CA LEU A 18 26.87 -0.30 14.59
C LEU A 18 27.98 0.24 13.72
N CYS A 19 29.14 -0.40 13.77
CA CYS A 19 30.27 0.05 12.94
C CYS A 19 30.69 -1.08 11.97
N HIS A 20 31.02 -0.75 10.72
CA HIS A 20 31.46 -1.74 9.75
C HIS A 20 32.62 -2.52 10.31
N PRO A 21 32.63 -3.85 10.12
CA PRO A 21 33.68 -4.63 10.76
C PRO A 21 35.09 -4.35 10.18
N LEU A 22 35.21 -3.82 8.97
CA LEU A 22 36.54 -3.51 8.40
C LEU A 22 37.03 -2.09 8.65
N VAL A 23 36.48 -1.41 9.65
CA VAL A 23 36.83 -0.01 9.84
C VAL A 23 38.34 0.26 10.03
N GLU A 24 39.07 -0.56 10.79
CA GLU A 24 40.51 -0.31 11.00
CA GLU A 24 40.50 -0.25 10.99
C GLU A 24 41.32 -0.45 9.70
N GLU A 25 41.06 -1.52 8.97
CA GLU A 25 41.77 -1.77 7.71
C GLU A 25 41.43 -0.69 6.64
N VAL A 26 40.16 -0.39 6.47
CA VAL A 26 39.80 0.60 5.44
C VAL A 26 40.26 2.02 5.85
N SER A 27 40.18 2.38 7.14
CA SER A 27 40.65 3.69 7.58
C SER A 27 42.12 3.89 7.22
N LYS A 28 42.91 2.85 7.45
CA LYS A 28 44.35 2.93 7.16
C LYS A 28 44.56 3.11 5.66
N GLU A 29 43.83 2.33 4.87
CA GLU A 29 43.99 2.38 3.41
C GLU A 29 43.62 3.79 2.87
N VAL A 30 42.44 4.27 3.25
CA VAL A 30 41.92 5.48 2.66
C VAL A 30 42.64 6.73 3.21
N ASP A 31 42.89 6.81 4.52
CA ASP A 31 43.68 7.92 5.04
C ASP A 31 45.05 7.96 4.35
N GLY A 32 45.65 6.79 4.18
CA GLY A 32 46.94 6.63 3.49
C GLY A 32 46.92 7.25 2.10
N TYR A 33 45.85 6.93 1.36
CA TYR A 33 45.68 7.46 0.01
C TYR A 33 45.62 8.98 0.00
N PHE A 34 44.81 9.58 0.88
CA PHE A 34 44.72 11.05 0.87
C PHE A 34 46.02 11.71 1.41
N LEU A 35 46.66 11.08 2.39
CA LEU A 35 47.93 11.64 2.85
C LEU A 35 48.98 11.63 1.71
N GLN A 36 48.92 10.65 0.82
CA GLN A 36 49.81 10.68 -0.37
C GLN A 36 49.40 11.74 -1.40
N HIS A 37 48.09 11.84 -1.72
CA HIS A 37 47.67 12.60 -2.90
C HIS A 37 47.14 14.02 -2.65
N TRP A 38 46.49 14.25 -1.52
CA TRP A 38 45.88 15.54 -1.27
C TRP A 38 46.92 16.59 -0.85
N ASN A 39 46.78 17.85 -1.28
CA ASN A 39 47.69 18.90 -0.81
C ASN A 39 47.27 19.56 0.49
N PHE A 40 47.83 19.10 1.60
CA PHE A 40 47.54 19.71 2.91
C PHE A 40 48.50 20.88 3.10
N PRO A 41 48.04 21.94 3.78
CA PRO A 41 48.90 23.12 3.93
C PRO A 41 50.07 22.93 4.90
N ASN A 42 50.02 21.98 5.83
CA ASN A 42 51.12 21.78 6.77
C ASN A 42 50.92 20.51 7.54
N GLU A 43 51.90 20.18 8.39
CA GLU A 43 51.84 18.96 9.19
C GLU A 43 50.62 19.02 10.16
N LYS A 44 50.39 20.19 10.72
CA LYS A 44 49.24 20.36 11.63
C LYS A 44 47.93 19.89 10.95
N ALA A 45 47.72 20.29 9.70
CA ALA A 45 46.53 19.92 8.95
C ALA A 45 46.52 18.41 8.63
N ARG A 46 47.68 17.82 8.40
CA ARG A 46 47.71 16.37 8.15
C ARG A 46 47.28 15.59 9.36
N LYS A 47 47.74 16.03 10.53
CA LYS A 47 47.39 15.33 11.76
C LYS A 47 45.89 15.51 12.08
N LYS A 48 45.38 16.71 11.82
CA LYS A 48 43.98 17.03 12.07
C LYS A 48 43.09 16.15 11.20
N PHE A 49 43.51 15.94 9.97
CA PHE A 49 42.82 15.08 9.00
C PHE A 49 42.68 13.68 9.52
N VAL A 50 43.79 13.11 9.95
CA VAL A 50 43.75 11.77 10.50
C VAL A 50 42.90 11.72 11.78
N ALA A 51 43.02 12.75 12.63
CA ALA A 51 42.23 12.79 13.87
C ALA A 51 40.70 12.82 13.65
N ALA A 52 40.25 13.43 12.56
CA ALA A 52 38.81 13.54 12.30
C ALA A 52 38.19 12.16 12.16
N GLY A 53 38.94 11.23 11.61
CA GLY A 53 38.45 9.87 11.36
C GLY A 53 37.31 9.82 10.34
N PHE A 54 37.56 10.29 9.13
CA PHE A 54 36.49 10.33 8.12
C PHE A 54 36.07 8.93 7.60
N SER A 55 36.97 7.95 7.63
CA SER A 55 36.55 6.58 7.29
C SER A 55 35.75 5.95 8.43
N ARG A 56 36.02 6.41 9.64
CA ARG A 56 35.26 5.94 10.77
C ARG A 56 33.77 6.39 10.69
N VAL A 57 33.52 7.64 10.31
CA VAL A 57 32.10 8.07 10.21
C VAL A 57 31.46 7.31 9.06
N THR A 58 32.24 7.02 8.01
CA THR A 58 31.66 6.25 6.89
C THR A 58 31.23 4.86 7.35
N CYS A 59 32.07 4.23 8.17
CA CYS A 59 31.81 2.86 8.61
C CYS A 59 30.68 2.81 9.63
N LEU A 60 30.46 3.91 10.35
CA LEU A 60 29.29 3.99 11.26
C LEU A 60 28.01 4.29 10.48
N TYR A 61 28.14 5.04 9.38
CA TYR A 61 26.99 5.36 8.55
C TYR A 61 26.48 4.14 7.83
N PHE A 62 27.40 3.31 7.32
CA PHE A 62 27.02 2.17 6.48
C PHE A 62 27.59 0.86 7.04
N PRO A 63 27.13 0.46 8.23
CA PRO A 63 27.82 -0.70 8.81
C PRO A 63 27.48 -2.01 8.13
N LYS A 64 26.45 -2.04 7.27
CA LYS A 64 26.18 -3.29 6.53
C LYS A 64 26.62 -3.19 5.07
N ALA A 65 27.48 -2.21 4.75
CA ALA A 65 28.08 -2.14 3.42
C ALA A 65 28.80 -3.48 3.11
N LEU A 66 28.80 -3.84 1.82
CA LEU A 66 29.55 -5.01 1.36
C LEU A 66 31.01 -4.76 1.57
N ASP A 67 31.73 -5.82 1.94
CA ASP A 67 33.16 -5.70 2.27
C ASP A 67 34.02 -5.11 1.14
N ASP A 68 33.67 -5.40 -0.10
CA ASP A 68 34.48 -4.87 -1.20
C ASP A 68 33.89 -3.58 -1.76
N ARG A 69 32.90 -2.99 -1.08
CA ARG A 69 32.45 -1.66 -1.52
C ARG A 69 32.65 -0.52 -0.49
N ILE A 70 32.86 -0.86 0.78
CA ILE A 70 32.93 0.17 1.83
C ILE A 70 34.07 1.16 1.53
N HIS A 71 35.20 0.74 0.95
CA HIS A 71 36.27 1.71 0.71
C HIS A 71 35.83 2.81 -0.29
N PHE A 72 34.98 2.50 -1.27
CA PHE A 72 34.50 3.56 -2.20
C PHE A 72 33.76 4.67 -1.45
N ALA A 73 32.92 4.27 -0.50
CA ALA A 73 32.12 5.22 0.25
C ALA A 73 33.04 6.08 1.11
N CYS A 74 34.01 5.44 1.75
CA CYS A 74 35.00 6.17 2.55
C CYS A 74 35.77 7.20 1.75
N ARG A 75 36.21 6.83 0.55
CA ARG A 75 36.89 7.78 -0.32
C ARG A 75 35.98 8.94 -0.69
N LEU A 76 34.74 8.63 -1.04
CA LEU A 76 33.83 9.71 -1.48
C LEU A 76 33.49 10.66 -0.34
N LEU A 77 33.13 10.11 0.82
CA LEU A 77 32.82 11.03 1.92
C LEU A 77 34.08 11.80 2.36
N THR A 78 35.24 11.14 2.32
CA THR A 78 36.45 11.86 2.72
C THR A 78 36.72 13.08 1.83
N VAL A 79 36.63 12.89 0.51
CA VAL A 79 36.97 14.02 -0.34
C VAL A 79 35.88 15.10 -0.25
N LEU A 80 34.61 14.72 0.01
CA LEU A 80 33.57 15.72 0.21
C LEU A 80 33.77 16.51 1.49
N PHE A 81 34.17 15.88 2.59
CA PHE A 81 34.56 16.65 3.78
C PHE A 81 35.73 17.62 3.51
N LEU A 82 36.73 17.16 2.78
CA LEU A 82 37.88 18.03 2.53
C LEU A 82 37.44 19.24 1.75
N ILE A 83 36.61 19.03 0.75
CA ILE A 83 36.12 20.16 -0.07
C ILE A 83 35.20 21.09 0.75
N ASP A 84 34.31 20.49 1.53
CA ASP A 84 33.43 21.23 2.46
C ASP A 84 34.25 22.24 3.31
N ASP A 85 35.43 21.81 3.77
CA ASP A 85 36.24 22.70 4.57
C ASP A 85 36.90 23.76 3.69
N LEU A 86 37.38 23.39 2.49
CA LEU A 86 38.02 24.41 1.61
C LEU A 86 37.07 25.52 1.21
N LEU A 87 35.79 25.18 1.03
CA LEU A 87 34.78 26.19 0.60
C LEU A 87 34.61 27.31 1.60
N GLU A 88 34.94 27.03 2.86
CA GLU A 88 34.76 28.05 3.89
C GLU A 88 35.64 29.28 3.70
N TYR A 89 36.70 29.13 2.92
CA TYR A 89 37.62 30.26 2.66
C TYR A 89 37.31 30.95 1.34
N MET A 90 36.17 30.61 0.74
CA MET A 90 35.80 31.12 -0.58
C MET A 90 34.52 31.92 -0.52
N SER A 91 34.32 32.84 -1.47
CA SER A 91 33.01 33.47 -1.67
C SER A 91 32.04 32.45 -2.24
N PHE A 92 30.74 32.79 -2.30
CA PHE A 92 29.77 31.91 -2.91
C PHE A 92 30.11 31.72 -4.38
N GLU A 93 30.50 32.79 -5.06
CA GLU A 93 30.86 32.69 -6.46
C GLU A 93 32.11 31.81 -6.68
N GLU A 94 33.12 31.98 -5.83
CA GLU A 94 34.35 31.20 -5.97
C GLU A 94 34.05 29.72 -5.70
N GLY A 95 33.24 29.43 -4.69
CA GLY A 95 33.00 28.04 -4.32
C GLY A 95 32.16 27.37 -5.37
N SER A 96 31.20 28.12 -5.92
CA SER A 96 30.40 27.59 -7.01
C SER A 96 31.27 27.22 -8.24
N ALA A 97 32.23 28.08 -8.60
CA ALA A 97 33.11 27.77 -9.73
C ALA A 97 33.95 26.54 -9.44
N TYR A 98 34.42 26.46 -8.22
CA TYR A 98 35.21 25.31 -7.77
C TYR A 98 34.45 23.99 -7.92
N ASN A 99 33.25 23.93 -7.33
CA ASN A 99 32.40 22.76 -7.43
C ASN A 99 31.98 22.46 -8.89
N GLU A 100 31.58 23.48 -9.62
CA GLU A 100 31.14 23.23 -10.99
C GLU A 100 32.23 22.62 -11.88
N LYS A 101 33.49 22.98 -11.66
CA LYS A 101 34.59 22.34 -12.39
C LYS A 101 34.63 20.81 -12.15
N LEU A 102 34.24 20.38 -10.95
CA LEU A 102 34.32 18.97 -10.58
C LEU A 102 33.20 18.13 -11.12
N ILE A 103 32.12 18.78 -11.54
CA ILE A 103 30.95 18.00 -11.92
C ILE A 103 31.15 17.23 -13.26
N PRO A 104 31.66 17.88 -14.31
CA PRO A 104 31.96 17.12 -15.54
C PRO A 104 33.01 16.02 -15.34
N ILE A 105 33.93 16.28 -14.43
CA ILE A 105 34.98 15.31 -14.12
C ILE A 105 34.41 14.11 -13.38
N SER A 106 33.49 14.37 -12.44
CA SER A 106 32.79 13.30 -11.72
C SER A 106 32.05 12.41 -12.68
N ARG A 107 31.42 13.02 -13.67
CA ARG A 107 30.67 12.28 -14.68
C ARG A 107 31.59 11.44 -15.57
N GLY A 108 32.87 11.78 -15.59
CA GLY A 108 33.77 11.10 -16.50
C GLY A 108 33.84 11.79 -17.87
N ASP A 109 33.13 12.90 -18.03
CA ASP A 109 33.10 13.59 -19.35
C ASP A 109 34.33 14.41 -19.70
N VAL A 110 35.02 14.91 -18.69
CA VAL A 110 36.18 15.77 -18.88
C VAL A 110 37.35 15.11 -18.12
N LEU A 111 38.51 14.99 -18.74
CA LEU A 111 39.70 14.47 -18.02
C LEU A 111 40.21 15.43 -16.95
N PRO A 112 40.81 14.91 -15.87
CA PRO A 112 41.36 15.78 -14.84
C PRO A 112 42.68 16.39 -15.23
N ASP A 113 43.01 17.55 -14.67
CA ASP A 113 44.38 18.03 -14.65
C ASP A 113 45.15 17.16 -13.65
N ARG A 114 46.05 16.28 -14.10
CA ARG A 114 46.73 15.38 -13.18
C ARG A 114 47.69 16.09 -12.22
N SER A 115 47.85 17.39 -12.35
CA SER A 115 48.65 18.10 -11.38
C SER A 115 47.76 18.70 -10.27
N ILE A 116 46.44 18.52 -10.37
CA ILE A 116 45.50 19.10 -9.39
C ILE A 116 44.80 17.98 -8.64
N PRO A 117 45.24 17.71 -7.42
CA PRO A 117 44.78 16.54 -6.69
C PRO A 117 43.24 16.41 -6.63
N VAL A 118 42.50 17.49 -6.34
CA VAL A 118 41.05 17.30 -6.22
C VAL A 118 40.49 16.80 -7.54
N GLU A 119 41.01 17.28 -8.67
CA GLU A 119 40.47 16.83 -9.94
C GLU A 119 40.75 15.34 -10.18
N TYR A 120 41.98 14.88 -10.02
CA TYR A 120 42.22 13.50 -10.43
C TYR A 120 41.75 12.51 -9.35
N ILE A 121 41.74 12.93 -8.08
CA ILE A 121 41.15 12.06 -7.05
C ILE A 121 39.66 11.82 -7.35
N ILE A 122 38.93 12.89 -7.71
CA ILE A 122 37.53 12.76 -8.03
C ILE A 122 37.34 11.92 -9.30
N TYR A 123 38.13 12.22 -10.33
CA TYR A 123 38.00 11.46 -11.58
C TYR A 123 38.22 9.98 -11.32
N ASP A 124 39.35 9.64 -10.70
CA ASP A 124 39.74 8.23 -10.52
C ASP A 124 38.73 7.50 -9.65
N LEU A 125 38.25 8.19 -8.62
CA LEU A 125 37.26 7.57 -7.72
C LEU A 125 35.99 7.22 -8.47
N TRP A 126 35.39 8.18 -9.17
CA TRP A 126 34.13 7.85 -9.88
C TRP A 126 34.35 6.84 -11.02
N GLU A 127 35.49 6.91 -11.71
CA GLU A 127 35.79 5.85 -12.67
C GLU A 127 35.80 4.45 -11.99
N SER A 128 36.46 4.33 -10.84
CA SER A 128 36.53 3.05 -10.14
C SER A 128 35.16 2.57 -9.63
N MET A 129 34.31 3.51 -9.24
CA MET A 129 32.96 3.13 -8.81
C MET A 129 32.16 2.60 -9.98
N ARG A 130 32.22 3.28 -11.12
CA ARG A 130 31.51 2.78 -12.31
C ARG A 130 32.11 1.47 -12.80
N ALA A 131 33.41 1.29 -12.63
CA ALA A 131 34.01 0.01 -13.05
C ALA A 131 33.38 -1.11 -12.20
N HIS A 132 33.17 -0.84 -10.91
CA HIS A 132 32.60 -1.85 -9.98
C HIS A 132 31.08 -2.09 -10.16
N ASP A 133 30.27 -1.03 -10.32
CA ASP A 133 28.82 -1.20 -10.48
C ASP A 133 28.27 0.05 -11.13
N ARG A 134 28.20 0.00 -12.46
CA ARG A 134 27.91 1.15 -13.27
C ARG A 134 26.56 1.78 -12.92
N GLU A 135 25.53 0.95 -12.95
CA GLU A 135 24.17 1.43 -12.73
C GLU A 135 24.01 2.12 -11.34
N MET A 136 24.51 1.48 -10.28
CA MET A 136 24.37 2.07 -8.93
C MET A 136 25.29 3.29 -8.73
N ALA A 137 26.46 3.28 -9.34
CA ALA A 137 27.38 4.45 -9.22
C ALA A 137 26.72 5.67 -9.83
N ASP A 138 26.13 5.48 -11.01
CA ASP A 138 25.51 6.58 -11.72
C ASP A 138 24.34 7.21 -10.98
N GLU A 139 23.64 6.42 -10.17
CA GLU A 139 22.56 6.94 -9.35
C GLU A 139 23.00 7.85 -8.18
N ILE A 140 24.29 7.83 -7.83
CA ILE A 140 24.81 8.77 -6.82
C ILE A 140 25.16 10.15 -7.41
N LEU A 141 25.35 10.24 -8.73
CA LEU A 141 25.83 11.52 -9.32
C LEU A 141 24.94 12.72 -9.07
N GLU A 142 23.68 12.64 -9.53
CA GLU A 142 22.81 13.84 -9.38
C GLU A 142 22.59 14.21 -7.89
N PRO A 143 22.45 13.21 -6.98
CA PRO A 143 22.40 13.56 -5.54
C PRO A 143 23.65 14.29 -5.06
N VAL A 144 24.82 13.89 -5.51
CA VAL A 144 26.04 14.62 -5.15
C VAL A 144 26.01 16.04 -5.71
N PHE A 145 25.56 16.20 -6.94
CA PHE A 145 25.57 17.53 -7.56
C PHE A 145 24.59 18.44 -6.86
N LEU A 146 23.41 17.89 -6.50
CA LEU A 146 22.41 18.64 -5.75
C LEU A 146 23.00 19.22 -4.44
N PHE A 147 23.72 18.38 -3.71
CA PHE A 147 24.42 18.78 -2.50
C PHE A 147 25.47 19.86 -2.81
N MET A 148 26.28 19.63 -3.84
CA MET A 148 27.35 20.60 -4.14
C MET A 148 26.78 21.98 -4.44
N ARG A 149 25.64 22.02 -5.12
CA ARG A 149 25.09 23.32 -5.47
C ARG A 149 24.39 23.94 -4.28
N ALA A 150 23.92 23.11 -3.33
CA ALA A 150 23.35 23.67 -2.10
C ALA A 150 24.44 24.36 -1.28
N GLN A 151 25.66 23.83 -1.34
CA GLN A 151 26.73 24.36 -0.47
C GLN A 151 27.06 25.83 -0.69
N THR A 152 26.84 26.32 -1.89
CA THR A 152 27.20 27.71 -2.20
C THR A 152 25.98 28.56 -2.59
N ASP A 153 24.81 28.01 -2.35
CA ASP A 153 23.52 28.65 -2.54
C ASP A 153 23.42 29.97 -1.71
N ARG A 154 23.06 31.08 -2.36
CA ARG A 154 22.82 32.38 -1.71
C ARG A 154 21.86 32.33 -0.55
N THR A 155 20.98 31.34 -0.53
CA THR A 155 19.98 31.26 0.55
C THR A 155 20.63 31.11 1.92
N ARG A 156 21.90 30.69 1.94
CA ARG A 156 22.64 30.65 3.20
C ARG A 156 22.81 32.04 3.81
N ALA A 157 22.70 33.07 3.00
CA ALA A 157 22.84 34.42 3.53
C ALA A 157 21.49 35.14 3.67
N ARG A 158 20.42 34.38 3.65
CA ARG A 158 19.11 34.98 3.85
C ARG A 158 18.53 34.44 5.16
N PRO A 159 17.69 35.24 5.86
CA PRO A 159 17.13 34.79 7.13
C PRO A 159 16.22 33.58 6.88
N MET A 160 16.28 32.59 7.74
CA MET A 160 15.44 31.41 7.62
C MET A 160 14.88 31.09 8.98
N GLY A 161 13.62 30.66 9.02
CA GLY A 161 13.08 30.09 10.25
C GLY A 161 13.43 28.60 10.26
N LEU A 162 13.02 27.89 11.31
CA LEU A 162 13.40 26.47 11.43
C LEU A 162 12.89 25.60 10.30
N GLY A 163 11.62 25.74 9.93
CA GLY A 163 11.08 24.92 8.86
C GLY A 163 11.79 25.16 7.53
N GLY A 164 12.04 26.44 7.21
CA GLY A 164 12.65 26.75 5.92
C GLY A 164 14.09 26.22 5.90
N TYR A 165 14.75 26.33 7.04
CA TYR A 165 16.14 25.93 7.16
C TYR A 165 16.25 24.40 6.94
N LEU A 166 15.36 23.63 7.55
CA LEU A 166 15.46 22.17 7.50
C LEU A 166 15.23 21.70 6.06
N GLU A 167 14.41 22.45 5.35
CA GLU A 167 14.13 22.13 3.96
C GLU A 167 15.39 22.34 3.11
N TYR A 168 16.06 23.47 3.33
CA TYR A 168 17.32 23.73 2.67
C TYR A 168 18.41 22.72 3.13
N ARG A 169 18.47 22.45 4.44
CA ARG A 169 19.59 21.69 4.99
C ARG A 169 19.55 20.25 4.52
N GLU A 170 18.37 19.75 4.11
CA GLU A 170 18.31 18.40 3.51
C GLU A 170 19.29 18.25 2.32
N ARG A 171 19.45 19.30 1.54
CA ARG A 171 20.40 19.30 0.41
C ARG A 171 21.84 19.53 0.88
N ASP A 172 22.03 20.52 1.75
CA ASP A 172 23.36 20.90 2.21
C ASP A 172 23.99 19.83 3.12
N VAL A 173 23.16 19.01 3.77
CA VAL A 173 23.65 17.88 4.58
C VAL A 173 23.91 16.63 3.72
N GLY A 174 23.47 16.65 2.44
CA GLY A 174 23.72 15.52 1.53
C GLY A 174 22.86 14.30 1.79
N LYS A 175 21.63 14.51 2.26
CA LYS A 175 20.75 13.39 2.59
C LYS A 175 20.57 12.39 1.43
N GLU A 176 20.30 12.93 0.24
CA GLU A 176 20.00 12.10 -0.91
C GLU A 176 21.26 11.39 -1.40
N LEU A 177 22.42 12.05 -1.32
CA LEU A 177 23.65 11.37 -1.75
C LEU A 177 23.97 10.27 -0.75
N LEU A 178 23.71 10.51 0.53
CA LEU A 178 23.97 9.50 1.52
C LEU A 178 23.07 8.26 1.31
N ALA A 179 21.84 8.50 0.86
CA ALA A 179 20.92 7.37 0.62
C ALA A 179 21.38 6.58 -0.59
N ALA A 180 21.72 7.28 -1.68
CA ALA A 180 22.21 6.58 -2.88
C ALA A 180 23.51 5.86 -2.60
N LEU A 181 24.38 6.48 -1.81
CA LEU A 181 25.66 5.85 -1.50
C LEU A 181 25.48 4.65 -0.56
N MET A 182 24.54 4.77 0.37
CA MET A 182 24.22 3.60 1.16
C MET A 182 23.77 2.45 0.26
N ARG A 183 22.87 2.74 -0.68
CA ARG A 183 22.36 1.66 -1.52
C ARG A 183 23.46 1.04 -2.38
N PHE A 184 24.28 1.92 -2.97
CA PHE A 184 25.48 1.45 -3.71
C PHE A 184 26.33 0.54 -2.85
N SER A 185 26.61 0.98 -1.62
CA SER A 185 27.59 0.25 -0.82
C SER A 185 27.04 -1.11 -0.34
N MET A 186 25.74 -1.23 -0.25
CA MET A 186 25.08 -2.49 0.13
C MET A 186 24.60 -3.33 -1.06
N GLY A 187 24.79 -2.82 -2.28
CA GLY A 187 24.23 -3.44 -3.47
C GLY A 187 22.73 -3.59 -3.33
N LEU A 188 22.09 -2.63 -2.64
CA LEU A 188 20.65 -2.65 -2.37
C LEU A 188 19.86 -1.94 -3.47
N LYS A 189 19.14 -2.70 -4.29
CA LYS A 189 18.44 -2.11 -5.43
C LYS A 189 16.98 -1.90 -5.07
N LEU A 190 16.47 -0.68 -5.25
CA LEU A 190 15.05 -0.41 -4.98
C LEU A 190 14.39 0.08 -6.26
N SER A 191 13.15 -0.33 -6.49
CA SER A 191 12.33 0.15 -7.61
C SER A 191 11.92 1.60 -7.42
N PRO A 192 11.45 2.26 -8.50
CA PRO A 192 10.97 3.64 -8.33
C PRO A 192 9.79 3.73 -7.38
N SER A 193 8.98 2.68 -7.37
CA SER A 193 7.81 2.62 -6.54
C SER A 193 8.19 2.53 -5.08
N GLU A 194 9.18 1.68 -4.78
CA GLU A 194 9.68 1.52 -3.42
C GLU A 194 10.30 2.80 -2.89
N LEU A 195 11.10 3.48 -3.71
CA LEU A 195 11.70 4.79 -3.37
C LEU A 195 10.65 5.85 -3.09
N GLN A 196 9.60 5.86 -3.88
CA GLN A 196 8.58 6.90 -3.74
C GLN A 196 7.86 6.71 -2.40
N ARG A 197 7.72 5.46 -1.98
CA ARG A 197 7.06 5.07 -0.74
C ARG A 197 7.71 5.60 0.54
N VAL A 198 9.02 5.79 0.50
CA VAL A 198 9.73 6.12 1.73
C VAL A 198 10.11 7.60 1.76
N ARG A 199 9.48 8.44 0.95
CA ARG A 199 9.87 9.85 0.90
C ARG A 199 9.72 10.51 2.28
N GLU A 200 8.70 10.12 3.03
CA GLU A 200 8.40 10.78 4.29
C GLU A 200 9.39 10.35 5.35
N ILE A 201 9.73 9.08 5.29
CA ILE A 201 10.78 8.53 6.16
C ILE A 201 12.12 9.24 5.87
N ASP A 202 12.43 9.42 4.58
CA ASP A 202 13.65 10.13 4.18
C ASP A 202 13.69 11.55 4.75
N ALA A 203 12.58 12.26 4.59
CA ALA A 203 12.51 13.65 5.03
C ALA A 203 12.73 13.76 6.54
N ASN A 204 12.14 12.84 7.28
CA ASN A 204 12.30 12.80 8.73
C ASN A 204 13.74 12.50 9.16
N CYS A 205 14.34 11.53 8.49
CA CYS A 205 15.72 11.15 8.80
C CYS A 205 16.66 12.33 8.53
N SER A 206 16.37 13.06 7.47
CA SER A 206 17.19 14.22 7.11
C SER A 206 17.29 15.27 8.23
N LYS A 207 16.17 15.51 8.90
CA LYS A 207 16.12 16.49 9.97
C LYS A 207 17.06 16.05 11.10
N HIS A 208 16.99 14.78 11.46
CA HIS A 208 17.89 14.21 12.49
C HIS A 208 19.38 14.37 12.13
N LEU A 209 19.79 13.88 10.96
CA LEU A 209 21.17 14.06 10.55
C LEU A 209 21.62 15.55 10.64
N SER A 210 20.80 16.40 10.06
CA SER A 210 21.03 17.84 10.01
C SER A 210 21.24 18.42 11.41
N VAL A 211 20.28 18.18 12.29
CA VAL A 211 20.31 18.82 13.60
C VAL A 211 21.37 18.22 14.55
N VAL A 212 21.54 16.92 14.50
CA VAL A 212 22.61 16.32 15.29
C VAL A 212 23.94 16.88 14.85
N ASN A 213 24.11 17.02 13.55
CA ASN A 213 25.35 17.63 13.09
C ASN A 213 25.49 19.09 13.57
N ASP A 214 24.39 19.83 13.45
CA ASP A 214 24.40 21.24 13.92
C ASP A 214 24.79 21.37 15.40
N ILE A 215 24.24 20.49 16.22
CA ILE A 215 24.52 20.48 17.65
C ILE A 215 26.01 20.29 17.93
N TYR A 216 26.61 19.24 17.41
CA TYR A 216 27.99 18.94 17.71
C TYR A 216 28.97 19.84 16.97
N SER A 217 28.60 20.32 15.78
CA SER A 217 29.58 21.09 14.98
C SER A 217 29.47 22.59 15.20
N TYR A 218 28.60 22.99 16.11
CA TYR A 218 28.34 24.44 16.31
C TYR A 218 29.61 25.22 16.74
N GLU A 219 30.41 24.67 17.66
CA GLU A 219 31.55 25.48 18.13
C GLU A 219 32.56 25.67 16.99
N LYS A 220 32.74 24.62 16.20
CA LYS A 220 33.59 24.69 15.02
C LYS A 220 33.10 25.76 14.05
N GLU A 221 31.80 25.75 13.80
CA GLU A 221 31.24 26.62 12.78
C GLU A 221 31.20 28.08 13.25
N LEU A 222 31.01 28.24 14.56
CA LEU A 222 31.05 29.60 15.16
C LEU A 222 32.44 30.22 14.97
N TYR A 223 33.45 29.42 15.28
CA TYR A 223 34.83 29.86 15.11
C TYR A 223 35.14 30.18 13.64
N THR A 224 34.73 29.30 12.73
CA THR A 224 34.83 29.54 11.30
C THR A 224 34.14 30.84 10.93
N SER A 225 32.96 31.08 11.47
CA SER A 225 32.23 32.25 10.99
C SER A 225 32.94 33.55 11.41
N LYS A 226 33.76 33.47 12.45
CA LYS A 226 34.52 34.62 12.93
C LYS A 226 35.87 34.78 12.24
N THR A 227 36.36 33.77 11.54
CA THR A 227 37.74 33.80 11.06
C THR A 227 37.90 33.54 9.57
N ALA A 228 36.87 32.97 8.92
CA ALA A 228 37.04 32.53 7.54
C ALA A 228 36.36 33.55 6.60
N HIS A 229 35.94 33.14 5.40
CA HIS A 229 35.36 34.09 4.45
C HIS A 229 33.98 34.55 4.94
N SER A 230 33.61 35.79 4.67
CA SER A 230 32.32 36.30 5.17
C SER A 230 31.13 35.57 4.51
N GLU A 231 31.34 34.98 3.33
CA GLU A 231 30.29 34.21 2.71
C GLU A 231 30.46 32.71 2.96
N GLY A 232 31.60 32.15 2.56
CA GLY A 232 31.89 30.71 2.74
C GLY A 232 31.80 30.27 4.19
N GLY A 233 32.14 31.17 5.11
CA GLY A 233 32.23 30.83 6.52
C GLY A 233 30.95 31.17 7.28
N ILE A 234 29.89 31.57 6.57
CA ILE A 234 28.72 32.16 7.24
C ILE A 234 28.02 31.12 8.15
N LEU A 235 27.57 31.56 9.33
CA LEU A 235 26.91 30.67 10.28
C LEU A 235 25.50 30.35 9.80
N CYS A 236 25.23 29.11 9.48
CA CYS A 236 23.88 28.79 9.00
C CYS A 236 23.51 27.50 9.68
N THR A 237 22.77 27.59 10.79
CA THR A 237 22.60 26.41 11.62
C THR A 237 21.35 26.52 12.50
N SER A 238 20.72 25.38 12.74
CA SER A 238 19.53 25.35 13.59
C SER A 238 19.79 25.85 15.00
N VAL A 239 21.02 25.68 15.47
CA VAL A 239 21.34 26.10 16.81
C VAL A 239 21.13 27.62 16.96
N GLN A 240 21.61 28.37 15.98
CA GLN A 240 21.49 29.83 16.02
C GLN A 240 20.09 30.25 15.73
N ILE A 241 19.42 29.51 14.84
CA ILE A 241 18.06 29.85 14.54
C ILE A 241 17.17 29.68 15.75
N LEU A 242 17.29 28.55 16.43
CA LEU A 242 16.45 28.36 17.61
C LEU A 242 16.84 29.33 18.75
N ALA A 243 18.13 29.53 18.97
CA ALA A 243 18.55 30.47 19.99
C ALA A 243 17.94 31.84 19.73
N GLN A 244 17.96 32.32 18.48
CA GLN A 244 17.37 33.62 18.12
C GLN A 244 15.84 33.63 18.29
N GLU A 245 15.17 32.59 17.77
CA GLU A 245 13.70 32.51 17.83
C GLU A 245 13.17 32.40 19.24
N ALA A 246 13.90 31.69 20.11
CA ALA A 246 13.39 31.43 21.47
C ALA A 246 14.03 32.36 22.46
N ASP A 247 14.98 33.16 22.00
CA ASP A 247 15.81 33.96 22.90
C ASP A 247 16.44 33.16 24.05
N VAL A 248 17.28 32.19 23.72
CA VAL A 248 18.06 31.47 24.74
C VAL A 248 19.49 31.40 24.24
N THR A 249 20.41 30.95 25.09
CA THR A 249 21.79 30.74 24.66
C THR A 249 21.91 29.59 23.65
N ALA A 250 23.03 29.57 22.94
CA ALA A 250 23.31 28.45 22.06
C ALA A 250 23.29 27.11 22.82
N GLU A 251 23.83 27.04 24.02
CA GLU A 251 23.85 25.76 24.76
C GLU A 251 22.43 25.29 25.10
N ALA A 252 21.57 26.24 25.47
CA ALA A 252 20.16 25.93 25.76
C ALA A 252 19.47 25.45 24.50
N ALA A 253 19.75 26.09 23.36
CA ALA A 253 19.19 25.67 22.08
C ALA A 253 19.62 24.24 21.75
N LYS A 254 20.89 23.91 21.99
CA LYS A 254 21.33 22.54 21.76
C LYS A 254 20.56 21.53 22.59
N ARG A 255 20.30 21.84 23.86
CA ARG A 255 19.56 20.87 24.71
C ARG A 255 18.15 20.65 24.20
N VAL A 256 17.49 21.73 23.77
CA VAL A 256 16.13 21.64 23.22
C VAL A 256 16.15 20.86 21.90
N LEU A 257 17.09 21.17 21.04
CA LEU A 257 17.15 20.51 19.72
C LEU A 257 17.44 19.02 19.88
N PHE A 258 18.21 18.66 20.91
CA PHE A 258 18.52 17.24 21.10
C PHE A 258 17.21 16.49 21.45
N VAL A 259 16.34 17.12 22.26
CA VAL A 259 15.08 16.47 22.57
C VAL A 259 14.25 16.34 21.29
N MET A 260 14.28 17.34 20.42
CA MET A 260 13.56 17.19 19.15
CA MET A 260 13.61 17.27 19.12
C MET A 260 14.18 16.11 18.29
N CYS A 261 15.51 15.92 18.34
CA CYS A 261 16.06 14.76 17.58
C CYS A 261 15.47 13.42 18.07
N ARG A 262 15.26 13.26 19.37
CA ARG A 262 14.67 11.98 19.82
C ARG A 262 13.23 11.82 19.37
N GLU A 263 12.54 12.96 19.21
CA GLU A 263 11.16 12.91 18.63
C GLU A 263 11.18 12.45 17.18
N TRP A 264 12.17 12.88 16.42
CA TRP A 264 12.29 12.34 15.06
C TRP A 264 12.67 10.84 15.08
N GLU A 265 13.40 10.38 16.09
CA GLU A 265 13.70 8.94 16.19
C GLU A 265 12.41 8.17 16.41
N LEU A 266 11.58 8.69 17.30
CA LEU A 266 10.29 8.05 17.58
C LEU A 266 9.43 8.06 16.36
N ARG A 267 9.40 9.18 15.66
CA ARG A 267 8.63 9.28 14.43
C ARG A 267 9.12 8.33 13.30
N HIS A 268 10.44 8.20 13.16
CA HIS A 268 11.01 7.16 12.25
C HIS A 268 10.39 5.75 12.54
N GLN A 269 10.43 5.37 13.81
CA GLN A 269 9.87 4.08 14.22
C GLN A 269 8.37 3.93 13.90
N LEU A 270 7.62 4.99 14.18
CA LEU A 270 6.20 5.02 13.82
C LEU A 270 5.92 4.91 12.31
N LEU A 271 6.65 5.68 11.50
CA LEU A 271 6.51 5.58 10.04
C LEU A 271 6.85 4.20 9.51
N VAL A 272 7.86 3.60 10.08
CA VAL A 272 8.32 2.32 9.64
C VAL A 272 7.23 1.28 9.96
N ALA A 273 6.74 1.32 11.19
CA ALA A 273 5.62 0.46 11.63
C ALA A 273 4.42 0.57 10.70
N ARG A 274 4.06 1.80 10.36
CA ARG A 274 2.94 2.05 9.49
C ARG A 274 3.16 1.52 8.07
N LEU A 275 4.38 1.68 7.56
CA LEU A 275 4.71 1.15 6.26
C LEU A 275 4.39 -0.35 6.23
N SER A 276 4.82 -1.03 7.28
CA SER A 276 4.63 -2.45 7.46
C SER A 276 3.16 -2.81 7.77
N ALA A 277 2.45 -1.92 8.47
CA ALA A 277 1.03 -2.13 8.83
C ALA A 277 0.13 -2.02 7.61
N GLU A 278 0.38 -1.01 6.77
CA GLU A 278 -0.16 -1.06 5.42
C GLU A 278 0.56 -2.24 4.76
N GLY A 279 0.39 -2.45 3.48
CA GLY A 279 1.04 -3.64 2.96
C GLY A 279 2.31 -3.35 2.21
N LEU A 280 2.94 -2.22 2.57
CA LEU A 280 3.88 -1.60 1.65
C LEU A 280 5.34 -1.94 1.90
N GLU A 281 5.64 -2.71 2.93
CA GLU A 281 7.03 -2.96 3.24
C GLU A 281 7.58 -4.23 2.57
N THR A 282 8.50 -4.02 1.63
CA THR A 282 9.18 -5.09 0.88
C THR A 282 10.47 -5.51 1.60
N PRO A 283 11.10 -6.62 1.19
CA PRO A 283 12.40 -6.95 1.80
C PRO A 283 13.49 -5.87 1.60
N GLY A 284 13.51 -5.27 0.42
CA GLY A 284 14.46 -4.21 0.10
C GLY A 284 14.16 -2.97 0.91
N LEU A 285 12.88 -2.61 1.06
CA LEU A 285 12.51 -1.47 1.90
C LEU A 285 12.86 -1.70 3.37
N ALA A 286 12.63 -2.89 3.89
CA ALA A 286 13.04 -3.16 5.25
C ALA A 286 14.54 -2.96 5.47
N ALA A 287 15.37 -3.38 4.52
CA ALA A 287 16.83 -3.24 4.68
C ALA A 287 17.14 -1.74 4.60
N TYR A 288 16.45 -1.07 3.70
CA TYR A 288 16.65 0.35 3.50
C TYR A 288 16.34 1.18 4.76
N VAL A 289 15.17 1.01 5.37
CA VAL A 289 14.81 1.89 6.49
C VAL A 289 15.60 1.50 7.74
N GLU A 290 16.05 0.25 7.83
CA GLU A 290 16.97 -0.11 8.89
C GLU A 290 18.35 0.57 8.66
N GLY A 291 18.78 0.64 7.40
CA GLY A 291 20.00 1.37 7.06
C GLY A 291 19.93 2.84 7.44
N LEU A 292 18.76 3.45 7.26
CA LEU A 292 18.61 4.86 7.69
C LEU A 292 18.77 5.00 9.19
N GLU A 293 18.29 4.02 9.93
CA GLU A 293 18.47 4.08 11.37
C GLU A 293 19.95 4.05 11.72
N TYR A 294 20.74 3.21 11.03
CA TYR A 294 22.18 3.22 11.31
C TYR A 294 22.82 4.56 10.97
N GLN A 295 22.34 5.20 9.90
CA GLN A 295 22.90 6.53 9.58
C GLN A 295 22.70 7.49 10.75
N MET A 296 21.47 7.56 11.26
CA MET A 296 21.19 8.48 12.36
C MET A 296 21.98 8.18 13.63
N SER A 297 21.99 6.93 14.09
CA SER A 297 22.72 6.59 15.31
C SER A 297 24.25 6.68 15.08
N GLY A 298 24.70 6.28 13.89
CA GLY A 298 26.12 6.28 13.57
C GLY A 298 26.67 7.69 13.51
N ALA A 299 25.93 8.57 12.84
CA ALA A 299 26.37 9.97 12.71
C ALA A 299 26.46 10.58 14.08
N GLU A 300 25.47 10.29 14.94
CA GLU A 300 25.54 10.83 16.29
C GLU A 300 26.73 10.28 17.10
N LEU A 301 26.97 8.99 17.00
CA LEU A 301 28.09 8.40 17.77
C LEU A 301 29.43 9.01 17.30
N TRP A 302 29.62 9.11 16.00
CA TRP A 302 30.86 9.75 15.51
C TRP A 302 30.96 11.20 15.97
N SER A 303 29.85 11.93 15.83
CA SER A 303 29.87 13.37 16.16
C SER A 303 30.22 13.61 17.62
N GLN A 304 29.79 12.71 18.50
CA GLN A 304 30.06 12.82 19.96
C GLN A 304 31.50 12.58 20.31
N THR A 305 32.23 11.91 19.42
CA THR A 305 33.57 11.47 19.76
C THR A 305 34.68 12.03 18.86
N THR A 306 34.35 12.57 17.69
CA THR A 306 35.43 13.02 16.77
C THR A 306 36.11 14.31 17.23
N LEU A 307 37.45 14.32 17.11
CA LEU A 307 38.23 15.51 17.46
C LEU A 307 37.91 16.68 16.51
N ARG A 308 37.34 16.39 15.36
CA ARG A 308 36.93 17.47 14.45
C ARG A 308 36.01 18.47 15.14
N TYR A 309 35.15 17.97 16.02
CA TYR A 309 34.20 18.88 16.70
C TYR A 309 34.66 19.30 18.10
N SER A 310 35.52 18.53 18.74
CA SER A 310 35.87 18.85 20.14
C SER A 310 37.15 19.70 20.28
N VAL A 311 37.97 19.65 19.26
CA VAL A 311 39.15 20.46 19.18
C VAL A 311 39.10 21.35 17.97
N VAL A 312 38.63 22.56 18.19
CA VAL A 312 38.52 23.57 17.17
C VAL A 312 39.76 24.42 17.04
N LEU B 8 1.06 12.92 30.17
CA LEU B 8 1.78 14.18 30.12
C LEU B 8 2.61 14.41 31.38
N GLU B 9 3.92 14.50 31.20
CA GLU B 9 4.86 14.52 32.32
C GLU B 9 5.80 15.73 32.28
N PRO B 10 5.59 16.69 33.20
CA PRO B 10 6.42 17.91 33.17
C PRO B 10 7.84 17.62 33.66
N PRO B 11 8.85 18.21 33.00
CA PRO B 11 10.21 18.06 33.53
C PRO B 11 10.34 18.83 34.84
N PRO B 12 11.33 18.49 35.67
CA PRO B 12 11.45 19.18 36.95
C PRO B 12 11.61 20.71 36.83
N SER B 13 11.13 21.41 37.85
CA SER B 13 11.28 22.85 37.97
C SER B 13 11.80 23.21 39.37
N THR B 14 12.63 24.24 39.46
CA THR B 14 13.04 24.71 40.78
C THR B 14 12.10 25.81 41.29
N PHE B 15 11.15 26.26 40.48
CA PHE B 15 10.21 27.31 40.95
C PHE B 15 9.13 26.68 41.85
N GLN B 16 8.83 27.28 43.00
CA GLN B 16 7.80 26.77 43.92
C GLN B 16 6.59 27.73 43.94
N PRO B 17 5.40 27.22 43.66
CA PRO B 17 4.23 28.12 43.68
C PRO B 17 3.73 28.47 45.09
N LEU B 18 3.01 29.56 45.19
CA LEU B 18 2.42 30.02 46.44
C LEU B 18 0.98 30.49 46.14
N CYS B 19 0.04 30.32 47.06
CA CYS B 19 -1.32 30.79 46.80
C CYS B 19 -1.74 31.85 47.83
N HIS B 20 -2.50 32.86 47.42
CA HIS B 20 -2.94 33.89 48.35
C HIS B 20 -3.70 33.25 49.50
N PRO B 21 -3.45 33.68 50.74
CA PRO B 21 -4.15 33.08 51.90
C PRO B 21 -5.67 33.20 51.83
N LEU B 22 -6.20 34.22 51.16
CA LEU B 22 -7.66 34.44 51.17
C LEU B 22 -8.39 33.85 49.97
N VAL B 23 -7.77 32.88 49.30
CA VAL B 23 -8.27 32.40 48.03
C VAL B 23 -9.71 31.89 48.17
N GLU B 24 -10.04 31.18 49.25
CA GLU B 24 -11.41 30.61 49.32
C GLU B 24 -12.46 31.72 49.53
N GLU B 25 -12.23 32.61 50.47
CA GLU B 25 -13.24 33.63 50.71
C GLU B 25 -13.36 34.59 49.52
N VAL B 26 -12.24 34.91 48.87
CA VAL B 26 -12.35 35.83 47.74
C VAL B 26 -12.99 35.11 46.56
N SER B 27 -12.70 33.82 46.39
CA SER B 27 -13.28 33.13 45.25
C SER B 27 -14.81 33.00 45.41
N LYS B 28 -15.28 32.78 46.64
CA LYS B 28 -16.73 32.76 46.86
C LYS B 28 -17.36 34.12 46.53
N GLU B 29 -16.71 35.19 46.98
CA GLU B 29 -17.22 36.54 46.75
C GLU B 29 -17.27 36.83 45.23
N VAL B 30 -16.17 36.55 44.55
CA VAL B 30 -16.12 36.92 43.12
C VAL B 30 -16.93 35.97 42.24
N ASP B 31 -16.84 34.68 42.50
CA ASP B 31 -17.73 33.75 41.77
C ASP B 31 -19.20 34.13 41.98
N GLY B 32 -19.56 34.48 43.20
CA GLY B 32 -20.91 34.88 43.50
C GLY B 32 -21.40 36.10 42.72
N TYR B 33 -20.54 37.12 42.60
CA TYR B 33 -20.84 38.33 41.85
C TYR B 33 -21.12 38.00 40.38
N PHE B 34 -20.27 37.19 39.74
CA PHE B 34 -20.51 36.84 38.32
C PHE B 34 -21.72 35.92 38.15
N LEU B 35 -21.97 35.02 39.11
CA LEU B 35 -23.13 34.14 39.01
C LEU B 35 -24.43 34.96 39.16
N GLN B 36 -24.34 36.04 39.90
CA GLN B 36 -25.47 36.97 40.00
C GLN B 36 -25.68 37.84 38.74
N HIS B 37 -24.61 38.36 38.15
CA HIS B 37 -24.73 39.43 37.14
C HIS B 37 -24.46 38.99 35.71
N TRP B 38 -23.56 38.04 35.53
CA TRP B 38 -23.17 37.68 34.14
C TRP B 38 -24.27 36.88 33.45
N ASN B 39 -24.43 37.06 32.15
CA ASN B 39 -25.46 36.27 31.43
C ASN B 39 -24.94 34.87 31.06
N PHE B 40 -24.95 33.92 32.01
CA PHE B 40 -24.60 32.53 31.68
C PHE B 40 -25.80 31.91 30.94
N PRO B 41 -25.56 31.01 29.96
CA PRO B 41 -26.73 30.52 29.20
C PRO B 41 -27.54 29.45 29.91
N ASN B 42 -26.93 28.72 30.83
CA ASN B 42 -27.63 27.62 31.46
C ASN B 42 -26.84 27.11 32.66
N GLU B 43 -27.42 26.14 33.35
CA GLU B 43 -26.83 25.68 34.60
C GLU B 43 -25.52 24.91 34.35
N LYS B 44 -25.45 24.18 33.24
CA LYS B 44 -24.21 23.49 32.92
C LYS B 44 -23.04 24.51 32.75
N ALA B 45 -23.31 25.63 32.10
CA ALA B 45 -22.30 26.69 31.96
C ALA B 45 -21.91 27.34 33.30
N ARG B 46 -22.88 27.57 34.18
CA ARG B 46 -22.58 28.06 35.53
C ARG B 46 -21.66 27.10 36.31
N LYS B 47 -21.95 25.81 36.23
CA LYS B 47 -21.10 24.80 36.89
C LYS B 47 -19.69 24.79 36.31
N LYS B 48 -19.61 24.86 34.98
CA LYS B 48 -18.31 24.87 34.32
C LYS B 48 -17.49 26.09 34.73
N PHE B 49 -18.16 27.24 34.88
CA PHE B 49 -17.52 28.50 35.31
C PHE B 49 -16.89 28.35 36.71
N VAL B 50 -17.66 27.80 37.62
CA VAL B 50 -17.15 27.53 38.95
C VAL B 50 -16.01 26.48 38.92
N ALA B 51 -16.16 25.47 38.08
CA ALA B 51 -15.17 24.38 38.01
C ALA B 51 -13.84 24.90 37.53
N ALA B 52 -13.82 26.02 36.79
CA ALA B 52 -12.55 26.48 36.23
C ALA B 52 -11.59 26.98 37.34
N GLY B 53 -12.19 27.59 38.34
CA GLY B 53 -11.46 28.29 39.39
C GLY B 53 -10.67 29.50 38.94
N PHE B 54 -11.35 30.52 38.39
CA PHE B 54 -10.67 31.72 37.91
C PHE B 54 -10.08 32.56 39.07
N SER B 55 -10.76 32.61 40.21
CA SER B 55 -10.14 33.31 41.34
C SER B 55 -8.97 32.51 41.90
N ARG B 56 -9.00 31.20 41.74
CA ARG B 56 -7.86 30.41 42.18
C ARG B 56 -6.64 30.71 41.33
N VAL B 57 -6.79 30.82 40.01
CA VAL B 57 -5.57 31.15 39.23
C VAL B 57 -5.09 32.56 39.54
N THR B 58 -6.01 33.46 39.84
CA THR B 58 -5.61 34.81 40.20
C THR B 58 -4.80 34.79 41.49
N CYS B 59 -5.25 33.99 42.45
CA CYS B 59 -4.56 33.94 43.73
C CYS B 59 -3.23 33.20 43.69
N LEU B 60 -3.06 32.33 42.69
CA LEU B 60 -1.77 31.68 42.45
C LEU B 60 -0.83 32.60 41.71
N TYR B 61 -1.39 33.47 40.87
CA TYR B 61 -0.59 34.48 40.15
C TYR B 61 -0.05 35.53 41.06
N PHE B 62 -0.90 35.98 42.00
CA PHE B 62 -0.55 37.14 42.80
C PHE B 62 -0.63 36.79 44.29
N PRO B 63 0.19 35.85 44.75
CA PRO B 63 -0.04 35.42 46.14
C PRO B 63 0.38 36.44 47.19
N LYS B 64 1.10 37.49 46.79
CA LYS B 64 1.50 38.52 47.72
C LYS B 64 0.67 39.78 47.55
N ALA B 65 -0.47 39.67 46.86
CA ALA B 65 -1.39 40.78 46.75
C ALA B 65 -1.82 41.23 48.14
N LEU B 66 -2.01 42.53 48.32
CA LEU B 66 -2.62 43.04 49.55
C LEU B 66 -4.00 42.42 49.74
N ASP B 67 -4.37 42.17 50.98
CA ASP B 67 -5.66 41.52 51.26
C ASP B 67 -6.87 42.30 50.74
N ASP B 68 -6.79 43.60 50.70
CA ASP B 68 -7.97 44.36 50.27
C ASP B 68 -7.86 44.76 48.80
N ARG B 69 -6.88 44.18 48.08
CA ARG B 69 -6.81 44.41 46.62
C ARG B 69 -6.96 43.18 45.75
N ILE B 70 -6.78 42.00 46.34
CA ILE B 70 -6.75 40.76 45.56
C ILE B 70 -8.11 40.58 44.86
N HIS B 71 -9.22 40.99 45.49
CA HIS B 71 -10.52 40.77 44.83
C HIS B 71 -10.65 41.56 43.53
N PHE B 72 -10.04 42.75 43.43
CA PHE B 72 -10.11 43.49 42.15
C PHE B 72 -9.44 42.67 41.03
N ALA B 73 -8.31 42.06 41.34
CA ALA B 73 -7.58 41.30 40.34
C ALA B 73 -8.40 40.07 39.98
N CYS B 74 -9.02 39.43 40.96
CA CYS B 74 -9.88 38.26 40.64
C CYS B 74 -11.02 38.65 39.71
N ARG B 75 -11.64 39.79 39.97
CA ARG B 75 -12.72 40.25 39.09
C ARG B 75 -12.26 40.55 37.66
N LEU B 76 -11.15 41.28 37.54
CA LEU B 76 -10.65 41.63 36.21
C LEU B 76 -10.23 40.35 35.45
N LEU B 77 -9.44 39.46 36.07
CA LEU B 77 -9.07 38.27 35.30
C LEU B 77 -10.31 37.40 34.97
N THR B 78 -11.27 37.33 35.88
CA THR B 78 -12.47 36.54 35.64
C THR B 78 -13.27 37.08 34.42
N VAL B 79 -13.48 38.39 34.38
CA VAL B 79 -14.24 38.89 33.25
C VAL B 79 -13.40 38.81 31.94
N LEU B 80 -12.08 38.93 31.98
CA LEU B 80 -11.32 38.71 30.73
C LEU B 80 -11.41 37.22 30.26
N PHE B 81 -11.36 36.26 31.18
CA PHE B 81 -11.58 34.86 30.79
C PHE B 81 -12.95 34.65 30.17
N LEU B 82 -13.96 35.26 30.76
CA LEU B 82 -15.31 35.05 30.22
C LEU B 82 -15.40 35.61 28.80
N ILE B 83 -14.78 36.76 28.59
CA ILE B 83 -14.81 37.34 27.26
C ILE B 83 -13.95 36.53 26.28
N ASP B 84 -12.82 36.06 26.77
CA ASP B 84 -11.92 35.22 25.92
C ASP B 84 -12.70 34.03 25.34
N ASP B 85 -13.52 33.43 26.16
CA ASP B 85 -14.36 32.33 25.68
C ASP B 85 -15.49 32.80 24.74
N LEU B 86 -16.15 33.93 25.02
CA LEU B 86 -17.13 34.45 24.04
C LEU B 86 -16.58 34.70 22.64
N LEU B 87 -15.35 35.22 22.58
CA LEU B 87 -14.78 35.57 21.27
C LEU B 87 -14.57 34.36 20.37
N GLU B 88 -14.57 33.16 20.94
CA GLU B 88 -14.34 31.95 20.14
C GLU B 88 -15.52 31.66 19.23
N TYR B 89 -16.67 32.25 19.53
CA TYR B 89 -17.86 32.07 18.66
C TYR B 89 -18.09 33.20 17.68
N MET B 90 -17.13 34.13 17.61
CA MET B 90 -17.28 35.34 16.78
C MET B 90 -16.28 35.36 15.66
N SER B 91 -16.59 36.09 14.59
CA SER B 91 -15.59 36.36 13.56
C SER B 91 -14.54 37.34 14.13
N PHE B 92 -13.45 37.56 13.41
CA PHE B 92 -12.50 38.59 13.84
C PHE B 92 -13.18 39.93 13.94
N GLU B 93 -14.00 40.23 12.93
CA GLU B 93 -14.67 41.52 12.89
C GLU B 93 -15.63 41.70 14.08
N GLU B 94 -16.44 40.69 14.35
CA GLU B 94 -17.39 40.75 15.50
C GLU B 94 -16.64 40.90 16.82
N GLY B 95 -15.61 40.11 16.96
CA GLY B 95 -14.83 40.13 18.19
C GLY B 95 -14.19 41.50 18.39
N SER B 96 -13.67 42.07 17.31
CA SER B 96 -13.06 43.38 17.40
C SER B 96 -14.13 44.47 17.79
N ALA B 97 -15.29 44.44 17.16
CA ALA B 97 -16.39 45.35 17.55
C ALA B 97 -16.78 45.18 19.03
N TYR B 98 -16.81 43.94 19.47
CA TYR B 98 -17.19 43.63 20.87
C TYR B 98 -16.18 44.25 21.83
N ASN B 99 -14.89 43.98 21.60
CA ASN B 99 -13.86 44.56 22.48
C ASN B 99 -13.78 46.09 22.41
N GLU B 100 -13.91 46.65 21.23
CA GLU B 100 -13.76 48.10 21.12
C GLU B 100 -14.82 48.87 21.86
N LYS B 101 -16.06 48.36 21.90
CA LYS B 101 -17.14 48.94 22.72
C LYS B 101 -16.68 49.09 24.17
N LEU B 102 -15.95 48.11 24.68
CA LEU B 102 -15.60 48.07 26.11
C LEU B 102 -14.44 48.98 26.47
N ILE B 103 -13.69 49.43 25.48
CA ILE B 103 -12.46 50.18 25.79
C ILE B 103 -12.78 51.58 26.37
N PRO B 104 -13.67 52.37 25.72
CA PRO B 104 -14.07 53.66 26.35
C PRO B 104 -14.80 53.51 27.67
N ILE B 105 -15.54 52.41 27.79
CA ILE B 105 -16.27 52.14 29.00
C ILE B 105 -15.26 51.86 30.12
N SER B 106 -14.22 51.07 29.83
CA SER B 106 -13.12 50.82 30.81
C SER B 106 -12.43 52.11 31.31
N ARG B 107 -12.15 53.01 30.37
CA ARG B 107 -11.61 54.34 30.68
C ARG B 107 -12.55 55.17 31.56
N GLY B 108 -13.83 54.83 31.56
CA GLY B 108 -14.81 55.64 32.27
C GLY B 108 -15.37 56.77 31.41
N ASP B 109 -14.97 56.80 30.13
CA ASP B 109 -15.39 57.89 29.20
C ASP B 109 -16.82 57.72 28.63
N VAL B 110 -17.31 56.50 28.61
CA VAL B 110 -18.66 56.20 28.11
C VAL B 110 -19.39 55.43 29.18
N LEU B 111 -20.62 55.82 29.50
CA LEU B 111 -21.43 55.07 30.45
C LEU B 111 -21.91 53.75 29.86
N PRO B 112 -22.09 52.74 30.71
CA PRO B 112 -22.54 51.42 30.25
C PRO B 112 -24.04 51.42 30.02
N ASP B 113 -24.50 50.55 29.14
CA ASP B 113 -25.90 50.23 29.03
C ASP B 113 -26.18 49.26 30.17
N ARG B 114 -26.98 49.66 31.16
CA ARG B 114 -27.10 48.81 32.31
C ARG B 114 -27.91 47.55 32.07
N SER B 115 -28.48 47.40 30.87
CA SER B 115 -29.15 46.12 30.57
C SER B 115 -28.19 45.08 29.96
N ILE B 116 -26.94 45.48 29.77
CA ILE B 116 -25.90 44.61 29.22
C ILE B 116 -24.82 44.32 30.29
N PRO B 117 -24.86 43.13 30.89
CA PRO B 117 -23.92 42.83 31.97
C PRO B 117 -22.49 43.12 31.63
N VAL B 118 -21.98 42.71 30.46
CA VAL B 118 -20.54 42.90 30.30
C VAL B 118 -20.20 44.42 30.41
N GLU B 119 -21.06 45.29 29.91
CA GLU B 119 -20.75 46.72 29.99
C GLU B 119 -20.75 47.25 31.41
N TYR B 120 -21.77 46.93 32.18
CA TYR B 120 -21.78 47.57 33.50
C TYR B 120 -20.84 46.84 34.48
N ILE B 121 -20.56 45.57 34.23
CA ILE B 121 -19.54 44.87 35.04
C ILE B 121 -18.17 45.52 34.77
N ILE B 122 -17.85 45.76 33.51
CA ILE B 122 -16.56 46.36 33.19
C ILE B 122 -16.48 47.80 33.76
N TYR B 123 -17.55 48.58 33.56
CA TYR B 123 -17.55 49.95 34.05
C TYR B 123 -17.39 50.02 35.56
N ASP B 124 -18.22 49.28 36.27
CA ASP B 124 -18.19 49.30 37.73
C ASP B 124 -16.88 48.81 38.28
N LEU B 125 -16.27 47.84 37.62
CA LEU B 125 -15.01 47.32 38.12
C LEU B 125 -13.89 48.36 38.03
N TRP B 126 -13.71 48.96 36.86
CA TRP B 126 -12.62 49.92 36.71
C TRP B 126 -12.86 51.17 37.55
N GLU B 127 -14.12 51.59 37.68
CA GLU B 127 -14.43 52.73 38.59
C GLU B 127 -14.01 52.40 40.04
N SER B 128 -14.30 51.19 40.49
CA SER B 128 -13.95 50.76 41.82
C SER B 128 -12.43 50.65 42.01
N MET B 129 -11.70 50.29 40.96
CA MET B 129 -10.23 50.23 41.08
C MET B 129 -9.64 51.62 41.13
N ARG B 130 -10.18 52.54 40.32
CA ARG B 130 -9.72 53.93 40.38
C ARG B 130 -10.02 54.60 41.73
N ALA B 131 -11.17 54.30 42.31
CA ALA B 131 -11.52 54.78 43.63
C ALA B 131 -10.50 54.28 44.65
N HIS B 132 -10.04 53.03 44.48
CA HIS B 132 -9.07 52.50 45.45
C HIS B 132 -7.65 53.04 45.23
N ASP B 133 -7.17 53.13 44.00
CA ASP B 133 -5.82 53.64 43.74
C ASP B 133 -5.75 54.13 42.32
N ARG B 134 -5.97 55.43 42.13
CA ARG B 134 -6.18 55.96 40.78
C ARG B 134 -5.01 55.77 39.87
N GLU B 135 -3.84 56.13 40.36
CA GLU B 135 -2.66 56.11 39.54
C GLU B 135 -2.24 54.69 39.13
N MET B 136 -2.30 53.75 40.06
CA MET B 136 -1.94 52.37 39.69
C MET B 136 -3.02 51.72 38.80
N ALA B 137 -4.27 52.11 38.97
CA ALA B 137 -5.35 51.55 38.16
C ALA B 137 -5.21 52.03 36.75
N ASP B 138 -4.85 53.29 36.59
CA ASP B 138 -4.74 53.88 35.27
C ASP B 138 -3.61 53.22 34.46
N GLU B 139 -2.61 52.69 35.18
CA GLU B 139 -1.49 52.03 34.49
C GLU B 139 -1.82 50.64 33.94
N ILE B 140 -2.98 50.10 34.29
CA ILE B 140 -3.36 48.78 33.77
C ILE B 140 -4.16 48.93 32.45
N LEU B 141 -4.69 50.12 32.18
CA LEU B 141 -5.61 50.30 31.03
C LEU B 141 -5.00 49.99 29.68
N GLU B 142 -3.94 50.68 29.29
CA GLU B 142 -3.42 50.47 27.94
C GLU B 142 -2.88 49.04 27.80
N PRO B 143 -2.27 48.48 28.87
CA PRO B 143 -1.92 47.06 28.69
C PRO B 143 -3.13 46.12 28.44
N VAL B 144 -4.26 46.42 29.07
CA VAL B 144 -5.46 45.61 28.78
C VAL B 144 -5.86 45.82 27.34
N PHE B 145 -5.80 47.07 26.88
CA PHE B 145 -6.30 47.34 25.52
C PHE B 145 -5.40 46.69 24.46
N LEU B 146 -4.11 46.66 24.73
CA LEU B 146 -3.15 46.06 23.84
C LEU B 146 -3.46 44.56 23.69
N PHE B 147 -3.76 43.93 24.82
CA PHE B 147 -4.19 42.52 24.83
C PHE B 147 -5.52 42.32 24.06
N MET B 148 -6.50 43.18 24.34
CA MET B 148 -7.79 43.04 23.67
C MET B 148 -7.65 43.11 22.18
N ARG B 149 -6.86 44.06 21.69
CA ARG B 149 -6.66 44.19 20.27
C ARG B 149 -5.87 43.03 19.66
N ALA B 150 -4.98 42.42 20.42
CA ALA B 150 -4.26 41.30 19.88
C ALA B 150 -5.20 40.10 19.72
N GLN B 151 -6.24 40.03 20.56
CA GLN B 151 -7.12 38.82 20.54
C GLN B 151 -7.80 38.63 19.22
N THR B 152 -8.08 39.72 18.52
CA THR B 152 -8.83 39.62 17.28
C THR B 152 -8.04 40.07 16.06
N ASP B 153 -6.72 40.13 16.22
CA ASP B 153 -5.75 40.52 15.17
C ASP B 153 -5.77 39.47 14.05
N ARG B 154 -6.00 39.87 12.80
CA ARG B 154 -5.97 38.90 11.68
C ARG B 154 -4.60 38.21 11.48
N THR B 155 -3.55 38.75 12.10
CA THR B 155 -2.30 38.00 12.15
C THR B 155 -2.47 36.57 12.70
N ARG B 156 -3.54 36.31 13.44
CA ARG B 156 -3.82 34.94 13.90
C ARG B 156 -4.11 33.94 12.80
N ALA B 157 -4.59 34.44 11.66
CA ALA B 157 -4.93 33.54 10.56
C ALA B 157 -3.81 33.47 9.52
N ARG B 158 -2.67 34.07 9.82
CA ARG B 158 -1.53 34.05 8.88
C ARG B 158 -0.40 33.18 9.43
N PRO B 159 0.42 32.60 8.55
CA PRO B 159 1.52 31.74 9.01
C PRO B 159 2.50 32.49 9.91
N MET B 160 2.91 31.85 10.99
CA MET B 160 3.92 32.46 11.86
C MET B 160 5.00 31.42 12.16
N GLY B 161 6.21 31.90 12.35
CA GLY B 161 7.26 31.05 12.88
C GLY B 161 7.25 31.14 14.40
N LEU B 162 8.11 30.36 15.04
CA LEU B 162 8.15 30.36 16.50
C LEU B 162 8.51 31.74 17.04
N GLY B 163 9.50 32.41 16.45
CA GLY B 163 9.87 33.75 16.90
C GLY B 163 8.76 34.77 16.77
N GLY B 164 8.14 34.82 15.60
CA GLY B 164 7.11 35.85 15.39
C GLY B 164 5.91 35.51 16.27
N TYR B 165 5.68 34.24 16.52
CA TYR B 165 4.52 33.87 17.35
C TYR B 165 4.74 34.35 18.78
N LEU B 166 5.94 34.15 19.32
CA LEU B 166 6.17 34.50 20.73
C LEU B 166 6.06 35.99 20.92
N GLU B 167 6.50 36.76 19.90
CA GLU B 167 6.36 38.22 19.92
C GLU B 167 4.89 38.65 19.99
N TYR B 168 4.09 38.02 19.15
CA TYR B 168 2.66 38.31 19.10
C TYR B 168 1.98 37.79 20.40
N ARG B 169 2.38 36.61 20.85
CA ARG B 169 1.67 35.97 21.95
C ARG B 169 1.86 36.71 23.26
N GLU B 170 2.96 37.46 23.35
CA GLU B 170 3.20 38.31 24.51
C GLU B 170 1.98 39.22 24.74
N ARG B 171 1.41 39.71 23.66
CA ARG B 171 0.24 40.57 23.78
C ARG B 171 -1.04 39.76 24.02
N ASP B 172 -1.19 38.68 23.28
CA ASP B 172 -2.42 37.86 23.40
C ASP B 172 -2.50 37.09 24.73
N VAL B 173 -1.37 36.90 25.43
CA VAL B 173 -1.39 36.23 26.73
C VAL B 173 -1.56 37.25 27.85
N GLY B 174 -1.49 38.53 27.50
CA GLY B 174 -1.69 39.59 28.48
C GLY B 174 -0.54 39.81 29.45
N LYS B 175 0.67 39.52 29.02
CA LYS B 175 1.85 39.67 29.90
C LYS B 175 1.90 41.06 30.57
N GLU B 176 1.77 42.10 29.76
CA GLU B 176 1.91 43.46 30.30
C GLU B 176 0.76 43.83 31.24
N LEU B 177 -0.47 43.39 30.93
CA LEU B 177 -1.56 43.71 31.86
C LEU B 177 -1.36 42.92 33.17
N LEU B 178 -0.84 41.69 33.08
CA LEU B 178 -0.63 40.88 34.30
C LEU B 178 0.44 41.54 35.17
N ALA B 179 1.44 42.13 34.55
CA ALA B 179 2.52 42.80 35.34
C ALA B 179 1.97 44.05 36.04
N ALA B 180 1.19 44.83 35.31
CA ALA B 180 0.60 46.05 35.90
C ALA B 180 -0.41 45.69 36.97
N LEU B 181 -1.16 44.61 36.74
CA LEU B 181 -2.16 44.20 37.71
C LEU B 181 -1.45 43.65 38.95
N MET B 182 -0.34 42.96 38.77
CA MET B 182 0.42 42.44 39.92
C MET B 182 0.86 43.62 40.76
N ARG B 183 1.38 44.64 40.10
CA ARG B 183 1.87 45.83 40.84
C ARG B 183 0.72 46.51 41.58
N PHE B 184 -0.38 46.74 40.88
CA PHE B 184 -1.57 47.29 41.53
C PHE B 184 -1.96 46.49 42.77
N SER B 185 -2.00 45.16 42.62
CA SER B 185 -2.50 44.26 43.68
CA SER B 185 -2.52 44.31 43.68
C SER B 185 -1.61 44.32 44.90
N MET B 186 -0.32 44.56 44.68
CA MET B 186 0.66 44.60 45.76
C MET B 186 0.90 46.01 46.29
N GLY B 187 0.32 47.02 45.64
CA GLY B 187 0.66 48.42 45.89
C GLY B 187 2.15 48.69 45.62
N LEU B 188 2.69 47.95 44.67
CA LEU B 188 4.15 48.01 44.38
C LEU B 188 4.42 49.03 43.30
N LYS B 189 4.94 50.19 43.69
CA LYS B 189 5.18 51.25 42.72
C LYS B 189 6.63 51.24 42.24
N LEU B 190 6.82 51.22 40.93
CA LEU B 190 8.18 51.19 40.37
C LEU B 190 8.36 52.39 39.47
N SER B 191 9.56 52.99 39.49
CA SER B 191 9.85 54.12 38.60
C SER B 191 10.04 53.66 37.17
N PRO B 192 9.94 54.58 36.19
CA PRO B 192 10.17 54.12 34.83
C PRO B 192 11.56 53.56 34.62
N SER B 193 12.54 54.14 35.30
CA SER B 193 13.90 53.61 35.18
C SER B 193 14.01 52.18 35.74
N GLU B 194 13.37 51.94 36.87
CA GLU B 194 13.32 50.57 37.39
C GLU B 194 12.65 49.60 36.42
N LEU B 195 11.53 50.00 35.85
CA LEU B 195 10.86 49.08 34.92
C LEU B 195 11.73 48.82 33.69
N GLN B 196 12.46 49.83 33.24
CA GLN B 196 13.34 49.65 32.09
C GLN B 196 14.43 48.63 32.39
N ARG B 197 14.88 48.60 33.62
CA ARG B 197 15.93 47.64 34.02
C ARG B 197 15.48 46.17 33.91
N VAL B 198 14.19 45.90 34.06
CA VAL B 198 13.76 44.48 34.03
C VAL B 198 13.01 44.15 32.75
N ARG B 199 13.19 44.97 31.73
CA ARG B 199 12.54 44.67 30.46
C ARG B 199 12.87 43.26 29.90
N GLU B 200 14.13 42.88 29.96
CA GLU B 200 14.58 41.60 29.41
C GLU B 200 14.02 40.45 30.27
N ILE B 201 13.97 40.65 31.58
CA ILE B 201 13.34 39.66 32.46
C ILE B 201 11.85 39.53 32.12
N ASP B 202 11.15 40.65 31.89
CA ASP B 202 9.74 40.58 31.50
C ASP B 202 9.54 39.75 30.22
N ALA B 203 10.34 40.06 29.19
CA ALA B 203 10.18 39.39 27.89
C ALA B 203 10.39 37.87 28.03
N ASN B 204 11.37 37.47 28.83
CA ASN B 204 11.61 36.04 29.04
C ASN B 204 10.44 35.34 29.76
N CYS B 205 9.95 36.02 30.80
CA CYS B 205 8.79 35.57 31.55
C CYS B 205 7.55 35.40 30.65
N SER B 206 7.37 36.34 29.73
CA SER B 206 6.24 36.25 28.82
C SER B 206 6.24 34.95 28.00
N LYS B 207 7.44 34.55 27.57
CA LYS B 207 7.49 33.32 26.77
C LYS B 207 7.09 32.11 27.61
N HIS B 208 7.60 32.04 28.84
CA HIS B 208 7.21 30.98 29.76
C HIS B 208 5.68 30.92 29.96
N LEU B 209 5.06 32.04 30.32
CA LEU B 209 3.61 32.07 30.50
C LEU B 209 2.85 31.60 29.25
N SER B 210 3.28 32.11 28.12
CA SER B 210 2.68 31.80 26.83
C SER B 210 2.69 30.30 26.55
N VAL B 211 3.89 29.72 26.61
CA VAL B 211 4.07 28.34 26.15
C VAL B 211 3.51 27.35 27.17
N VAL B 212 3.66 27.66 28.46
CA VAL B 212 3.03 26.80 29.47
C VAL B 212 1.53 26.78 29.21
N ASN B 213 0.93 27.96 29.02
CA ASN B 213 -0.50 27.94 28.73
C ASN B 213 -0.81 27.12 27.46
N ASP B 214 0.01 27.33 26.42
CA ASP B 214 -0.25 26.60 25.13
C ASP B 214 -0.22 25.08 25.32
N ILE B 215 0.76 24.61 26.09
CA ILE B 215 0.88 23.17 26.32
C ILE B 215 -0.39 22.64 27.00
N TYR B 216 -0.77 23.25 28.12
CA TYR B 216 -1.85 22.64 28.93
C TYR B 216 -3.23 22.88 28.32
N SER B 217 -3.39 23.98 27.59
CA SER B 217 -4.69 24.34 27.01
C SER B 217 -4.84 23.83 25.57
N TYR B 218 -3.85 23.07 25.08
CA TYR B 218 -3.92 22.63 23.67
C TYR B 218 -5.13 21.76 23.37
N GLU B 219 -5.42 20.79 24.23
CA GLU B 219 -6.57 19.90 23.88
C GLU B 219 -7.92 20.67 23.83
N LYS B 220 -8.10 21.59 24.78
CA LYS B 220 -9.23 22.52 24.73
C LYS B 220 -9.30 23.32 23.44
N GLU B 221 -8.17 23.93 23.05
CA GLU B 221 -8.13 24.79 21.89
C GLU B 221 -8.33 24.00 20.61
N LEU B 222 -7.80 22.78 20.58
CA LEU B 222 -7.94 21.94 19.40
C LEU B 222 -9.44 21.64 19.18
N TYR B 223 -10.10 21.28 20.26
CA TYR B 223 -11.55 21.01 20.22
C TYR B 223 -12.35 22.24 19.79
N THR B 224 -12.02 23.39 20.36
CA THR B 224 -12.67 24.64 19.95
C THR B 224 -12.46 24.91 18.48
N SER B 225 -11.25 24.63 17.99
CA SER B 225 -10.97 24.99 16.60
C SER B 225 -11.84 24.17 15.65
N LYS B 226 -12.22 22.98 16.08
CA LYS B 226 -12.99 22.09 15.24
C LYS B 226 -14.49 22.33 15.36
N THR B 227 -14.91 23.03 16.41
CA THR B 227 -16.34 23.14 16.71
C THR B 227 -16.89 24.58 16.72
N ALA B 228 -16.05 25.58 16.96
CA ALA B 228 -16.53 26.94 17.14
C ALA B 228 -16.36 27.74 15.86
N HIS B 229 -16.21 29.06 15.96
CA HIS B 229 -16.09 29.87 14.74
C HIS B 229 -14.71 29.64 14.12
N SER B 230 -14.65 29.54 12.79
CA SER B 230 -13.40 29.20 12.13
C SER B 230 -12.37 30.34 12.28
N GLU B 231 -12.82 31.56 12.56
CA GLU B 231 -11.89 32.63 12.90
C GLU B 231 -11.64 32.76 14.42
N GLY B 232 -12.70 33.04 15.17
CA GLY B 232 -12.55 33.22 16.63
C GLY B 232 -11.94 32.02 17.32
N GLY B 233 -12.20 30.84 16.77
CA GLY B 233 -11.78 29.58 17.35
C GLY B 233 -10.48 29.07 16.75
N ILE B 234 -9.85 29.86 15.87
CA ILE B 234 -8.71 29.37 15.11
C ILE B 234 -7.58 28.91 16.06
N LEU B 235 -6.92 27.85 15.66
CA LEU B 235 -5.84 27.30 16.46
C LEU B 235 -4.59 28.12 16.18
N CYS B 236 -4.13 28.88 17.15
CA CYS B 236 -2.93 29.70 16.96
C CYS B 236 -2.14 29.50 18.25
N THR B 237 -1.13 28.62 18.20
CA THR B 237 -0.50 28.17 19.42
C THR B 237 0.89 27.64 19.08
N SER B 238 1.79 27.74 20.03
CA SER B 238 3.16 27.24 19.80
C SER B 238 3.20 25.75 19.57
N VAL B 239 2.22 25.03 20.12
CA VAL B 239 2.18 23.59 19.96
C VAL B 239 2.01 23.24 18.50
N GLN B 240 1.09 23.90 17.85
CA GLN B 240 0.97 23.56 16.44
C GLN B 240 2.03 24.23 15.57
N ILE B 241 2.56 25.40 15.97
CA ILE B 241 3.61 26.01 15.16
C ILE B 241 4.88 25.17 15.19
N LEU B 242 5.26 24.66 16.36
CA LEU B 242 6.44 23.78 16.39
C LEU B 242 6.18 22.44 15.68
N ALA B 243 4.99 21.87 15.88
CA ALA B 243 4.67 20.61 15.20
C ALA B 243 4.79 20.78 13.68
N GLN B 244 4.38 21.92 13.17
CA GLN B 244 4.49 22.20 11.72
C GLN B 244 5.94 22.37 11.26
N GLU B 245 6.70 23.20 11.98
CA GLU B 245 8.08 23.48 11.63
C GLU B 245 8.96 22.23 11.65
N ALA B 246 8.77 21.36 12.65
CA ALA B 246 9.56 20.15 12.83
C ALA B 246 8.96 18.90 12.18
N ASP B 247 7.75 19.04 11.68
CA ASP B 247 6.92 17.93 11.20
C ASP B 247 6.81 16.77 12.22
N VAL B 248 6.38 17.09 13.44
CA VAL B 248 6.11 16.06 14.42
C VAL B 248 4.66 16.18 14.92
N THR B 249 4.21 15.29 15.79
CA THR B 249 2.88 15.42 16.37
C THR B 249 2.80 16.52 17.43
N ALA B 250 1.56 16.91 17.77
CA ALA B 250 1.35 17.87 18.87
C ALA B 250 1.92 17.37 20.17
N GLU B 251 1.79 16.06 20.43
CA GLU B 251 2.29 15.44 21.64
CA GLU B 251 2.31 15.54 21.72
C GLU B 251 3.82 15.57 21.73
N ALA B 252 4.47 15.29 20.60
CA ALA B 252 5.94 15.48 20.50
C ALA B 252 6.32 16.95 20.72
N ALA B 253 5.61 17.86 20.07
CA ALA B 253 5.91 19.30 20.23
C ALA B 253 5.75 19.76 21.66
N LYS B 254 4.73 19.25 22.38
CA LYS B 254 4.64 19.59 23.78
C LYS B 254 5.84 19.14 24.61
N ARG B 255 6.36 17.93 24.35
CA ARG B 255 7.54 17.48 25.10
C ARG B 255 8.72 18.42 24.88
N VAL B 256 8.91 18.85 23.64
CA VAL B 256 10.03 19.76 23.29
C VAL B 256 9.79 21.16 23.91
N LEU B 257 8.58 21.67 23.81
CA LEU B 257 8.25 22.98 24.37
C LEU B 257 8.42 22.97 25.90
N PHE B 258 8.13 21.86 26.55
CA PHE B 258 8.30 21.83 28.00
C PHE B 258 9.78 22.05 28.34
N VAL B 259 10.64 21.38 27.59
CA VAL B 259 12.08 21.52 27.85
C VAL B 259 12.51 22.99 27.60
N MET B 260 11.95 23.63 26.59
CA MET B 260 12.24 25.04 26.37
CA MET B 260 12.18 25.04 26.32
C MET B 260 11.74 25.90 27.53
N CYS B 261 10.58 25.57 28.11
CA CYS B 261 10.11 26.31 29.29
C CYS B 261 11.12 26.25 30.45
N ARG B 262 11.74 25.10 30.70
CA ARG B 262 12.71 25.05 31.81
C ARG B 262 13.98 25.87 31.48
N GLU B 263 14.29 26.00 30.21
CA GLU B 263 15.42 26.86 29.80
C GLU B 263 15.10 28.33 30.09
N TRP B 264 13.87 28.76 29.85
CA TRP B 264 13.48 30.11 30.25
C TRP B 264 13.49 30.29 31.77
N GLU B 265 13.14 29.27 32.55
CA GLU B 265 13.27 29.42 34.00
C GLU B 265 14.73 29.65 34.40
N LEU B 266 15.64 28.93 33.74
CA LEU B 266 17.08 29.07 34.05
C LEU B 266 17.58 30.44 33.68
N ARG B 267 17.08 30.92 32.55
CA ARG B 267 17.46 32.24 32.06
C ARG B 267 16.93 33.31 33.03
N HIS B 268 15.72 33.12 33.51
CA HIS B 268 15.20 34.06 34.52
C HIS B 268 16.16 34.15 35.73
N GLN B 269 16.54 33.00 36.27
CA GLN B 269 17.44 33.00 37.41
C GLN B 269 18.77 33.69 37.09
N LEU B 270 19.34 33.42 35.92
CA LEU B 270 20.55 34.11 35.51
C LEU B 270 20.41 35.61 35.36
N LEU B 271 19.36 36.05 34.69
CA LEU B 271 19.10 37.49 34.54
C LEU B 271 18.90 38.20 35.89
N VAL B 272 18.16 37.58 36.80
CA VAL B 272 17.97 38.19 38.11
C VAL B 272 19.31 38.23 38.90
N ALA B 273 20.10 37.18 38.80
CA ALA B 273 21.40 37.14 39.47
C ALA B 273 22.31 38.25 38.94
N ARG B 274 22.27 38.48 37.64
CA ARG B 274 23.06 39.57 37.03
C ARG B 274 22.61 40.94 37.50
N LEU B 275 21.29 41.14 37.55
CA LEU B 275 20.73 42.40 38.02
C LEU B 275 21.25 42.70 39.44
N SER B 276 21.19 41.70 40.29
CA SER B 276 21.61 41.85 41.67
C SER B 276 23.14 42.10 41.79
N ALA B 277 23.92 41.34 41.02
CA ALA B 277 25.40 41.47 40.99
C ALA B 277 25.87 42.82 40.51
N GLU B 278 25.12 43.44 39.60
CA GLU B 278 25.47 44.76 39.11
C GLU B 278 25.02 45.86 40.08
N GLY B 279 24.47 45.47 41.20
CA GLY B 279 23.95 46.41 42.19
C GLY B 279 22.71 47.14 41.75
N LEU B 280 21.94 46.55 40.84
CA LEU B 280 20.77 47.25 40.27
C LEU B 280 19.43 46.73 40.81
N GLU B 281 19.47 45.74 41.69
CA GLU B 281 18.22 45.20 42.22
C GLU B 281 17.73 45.99 43.45
N THR B 282 16.91 46.99 43.21
CA THR B 282 16.26 47.71 44.32
C THR B 282 15.30 46.84 45.15
N PRO B 283 14.87 47.33 46.34
CA PRO B 283 13.86 46.58 47.10
C PRO B 283 12.59 46.35 46.27
N GLY B 284 12.16 47.39 45.56
CA GLY B 284 10.98 47.24 44.70
C GLY B 284 11.21 46.19 43.60
N LEU B 285 12.37 46.24 42.97
CA LEU B 285 12.64 45.28 41.90
C LEU B 285 12.77 43.87 42.42
N ALA B 286 13.29 43.73 43.63
CA ALA B 286 13.43 42.40 44.20
C ALA B 286 12.03 41.78 44.38
N ALA B 287 11.11 42.60 44.87
CA ALA B 287 9.75 42.11 45.11
C ALA B 287 9.09 41.75 43.75
N TYR B 288 9.33 42.61 42.78
CA TYR B 288 8.78 42.46 41.43
C TYR B 288 9.23 41.17 40.76
N VAL B 289 10.54 40.90 40.74
CA VAL B 289 11.02 39.72 40.00
C VAL B 289 10.62 38.44 40.73
N GLU B 290 10.52 38.50 42.06
CA GLU B 290 10.00 37.37 42.81
C GLU B 290 8.52 37.17 42.47
N GLY B 291 7.81 38.29 42.33
CA GLY B 291 6.42 38.31 41.85
C GLY B 291 6.27 37.62 40.51
N LEU B 292 7.17 37.91 39.56
CA LEU B 292 7.15 37.23 38.25
C LEU B 292 7.35 35.74 38.40
N GLU B 293 8.21 35.36 39.32
CA GLU B 293 8.46 33.92 39.50
C GLU B 293 7.19 33.22 40.02
N TYR B 294 6.44 33.86 40.93
CA TYR B 294 5.14 33.31 41.34
C TYR B 294 4.12 33.19 40.21
N GLN B 295 4.07 34.20 39.32
CA GLN B 295 3.19 34.13 38.14
C GLN B 295 3.52 32.87 37.36
N MET B 296 4.81 32.65 37.10
CA MET B 296 5.19 31.49 36.28
C MET B 296 4.85 30.16 36.94
N SER B 297 5.22 30.00 38.21
CA SER B 297 4.95 28.71 38.86
C SER B 297 3.45 28.54 39.18
N GLY B 298 2.80 29.64 39.54
CA GLY B 298 1.36 29.64 39.88
C GLY B 298 0.53 29.29 38.65
N ALA B 299 0.87 29.87 37.50
CA ALA B 299 0.13 29.59 36.25
C ALA B 299 0.28 28.13 35.91
N GLU B 300 1.48 27.60 36.09
CA GLU B 300 1.70 26.20 35.77
C GLU B 300 0.93 25.24 36.71
N LEU B 301 0.91 25.56 38.00
CA LEU B 301 0.19 24.71 38.97
C LEU B 301 -1.30 24.73 38.67
N TRP B 302 -1.85 25.90 38.39
CA TRP B 302 -3.27 25.95 38.04
C TRP B 302 -3.54 25.20 36.73
N SER B 303 -2.68 25.45 35.73
CA SER B 303 -2.83 24.78 34.43
C SER B 303 -2.85 23.27 34.54
N GLN B 304 -2.03 22.72 35.43
CA GLN B 304 -1.91 21.29 35.68
C GLN B 304 -3.13 20.67 36.29
N THR B 305 -3.94 21.49 36.95
CA THR B 305 -5.00 20.96 37.79
C THR B 305 -6.41 21.47 37.44
N THR B 306 -6.53 22.56 36.69
CA THR B 306 -7.89 23.09 36.47
C THR B 306 -8.69 22.17 35.54
N LEU B 307 -9.98 22.01 35.88
CA LEU B 307 -10.95 21.29 35.04
CA LEU B 307 -10.93 21.28 35.05
C LEU B 307 -11.17 21.96 33.69
N ARG B 308 -10.85 23.26 33.61
CA ARG B 308 -10.94 23.99 32.33
C ARG B 308 -10.11 23.27 31.24
N TYR B 309 -8.96 22.72 31.62
CA TYR B 309 -8.10 22.12 30.59
C TYR B 309 -8.22 20.61 30.56
N SER B 310 -8.70 20.01 31.63
CA SER B 310 -8.73 18.55 31.64
C SER B 310 -10.09 18.00 31.25
N VAL B 311 -11.14 18.81 31.34
CA VAL B 311 -12.45 18.48 30.78
C VAL B 311 -13.10 19.71 30.14
N LEU C 8 4.23 -22.19 -7.64
CA LEU C 8 3.73 -22.65 -8.94
C LEU C 8 4.25 -24.05 -9.31
N GLU C 9 3.57 -25.09 -8.86
CA GLU C 9 4.08 -26.47 -8.99
C GLU C 9 3.67 -27.17 -10.30
N PRO C 10 4.62 -27.34 -11.24
CA PRO C 10 4.25 -27.96 -12.52
C PRO C 10 3.95 -29.45 -12.37
N PRO C 11 2.76 -29.89 -12.81
CA PRO C 11 2.46 -31.33 -12.84
C PRO C 11 3.53 -32.02 -13.68
N PRO C 12 3.82 -33.29 -13.38
CA PRO C 12 4.85 -34.04 -14.11
C PRO C 12 4.60 -34.11 -15.62
N SER C 13 5.65 -34.38 -16.38
CA SER C 13 5.56 -34.52 -17.84
C SER C 13 6.49 -35.61 -18.37
N THR C 14 6.03 -36.32 -19.40
CA THR C 14 6.88 -37.32 -20.05
C THR C 14 7.74 -36.70 -21.17
N PHE C 15 7.52 -35.42 -21.49
CA PHE C 15 8.31 -34.76 -22.53
C PHE C 15 9.69 -34.31 -21.98
N GLN C 16 10.78 -34.74 -22.61
CA GLN C 16 12.11 -34.29 -22.21
C GLN C 16 12.66 -33.24 -23.18
N PRO C 17 12.95 -32.04 -22.67
CA PRO C 17 13.46 -30.95 -23.53
C PRO C 17 14.87 -31.24 -24.03
N LEU C 18 15.26 -30.55 -25.09
CA LEU C 18 16.56 -30.72 -25.70
C LEU C 18 17.01 -29.36 -26.21
N CYS C 19 18.29 -29.04 -26.10
CA CYS C 19 18.76 -27.73 -26.55
C CYS C 19 19.74 -27.87 -27.70
N HIS C 20 19.72 -26.94 -28.66
CA HIS C 20 20.66 -27.02 -29.76
C HIS C 20 22.10 -26.97 -29.21
N PRO C 21 22.99 -27.85 -29.71
CA PRO C 21 24.38 -27.82 -29.22
C PRO C 21 25.10 -26.47 -29.39
N LEU C 22 24.64 -25.62 -30.32
CA LEU C 22 25.38 -24.38 -30.60
C LEU C 22 24.84 -23.17 -29.87
N VAL C 23 24.03 -23.41 -28.86
CA VAL C 23 23.31 -22.31 -28.23
C VAL C 23 24.23 -21.21 -27.71
N GLU C 24 25.37 -21.57 -27.12
CA GLU C 24 26.26 -20.52 -26.60
C GLU C 24 26.78 -19.58 -27.69
N GLU C 25 27.32 -20.19 -28.75
CA GLU C 25 27.91 -19.45 -29.87
C GLU C 25 26.86 -18.59 -30.59
N VAL C 26 25.71 -19.18 -30.87
CA VAL C 26 24.70 -18.46 -31.64
C VAL C 26 24.10 -17.33 -30.83
N SER C 27 23.89 -17.55 -29.54
CA SER C 27 23.39 -16.50 -28.66
C SER C 27 24.27 -15.30 -28.66
N LYS C 28 25.56 -15.56 -28.50
CA LYS C 28 26.54 -14.47 -28.51
C LYS C 28 26.44 -13.66 -29.81
N GLU C 29 26.47 -14.36 -30.94
CA GLU C 29 26.36 -13.75 -32.27
C GLU C 29 25.05 -12.93 -32.44
N VAL C 30 23.91 -13.57 -32.21
CA VAL C 30 22.65 -12.86 -32.44
C VAL C 30 22.37 -11.75 -31.42
N ASP C 31 22.62 -12.02 -30.14
CA ASP C 31 22.51 -10.96 -29.15
C ASP C 31 23.40 -9.76 -29.55
N GLY C 32 24.62 -10.08 -29.96
CA GLY C 32 25.59 -9.08 -30.36
C GLY C 32 25.11 -8.25 -31.55
N TYR C 33 24.56 -8.93 -32.56
CA TYR C 33 23.95 -8.21 -33.69
C TYR C 33 22.88 -7.24 -33.27
N PHE C 34 21.94 -7.66 -32.42
CA PHE C 34 20.89 -6.69 -32.05
C PHE C 34 21.41 -5.58 -31.15
N LEU C 35 22.36 -5.93 -30.29
CA LEU C 35 22.93 -4.89 -29.41
C LEU C 35 23.59 -3.79 -30.25
N GLN C 36 24.15 -4.18 -31.39
CA GLN C 36 24.75 -3.27 -32.37
C GLN C 36 23.73 -2.41 -33.15
N HIS C 37 22.63 -3.03 -33.59
CA HIS C 37 21.75 -2.37 -34.58
C HIS C 37 20.43 -1.89 -34.03
N TRP C 38 19.88 -2.60 -33.04
CA TRP C 38 18.54 -2.27 -32.58
C TRP C 38 18.54 -1.00 -31.74
N ASN C 39 17.55 -0.14 -31.90
CA ASN C 39 17.55 1.11 -31.14
C ASN C 39 16.97 0.87 -29.72
N PHE C 40 17.81 0.42 -28.79
CA PHE C 40 17.40 0.28 -27.38
C PHE C 40 17.40 1.64 -26.72
N PRO C 41 16.37 1.95 -25.90
CA PRO C 41 16.22 3.30 -25.34
C PRO C 41 17.21 3.67 -24.23
N ASN C 42 17.84 2.67 -23.60
CA ASN C 42 18.78 2.92 -22.50
C ASN C 42 19.49 1.63 -22.14
N GLU C 43 20.38 1.72 -21.17
CA GLU C 43 21.22 0.59 -20.81
C GLU C 43 20.41 -0.50 -20.10
N LYS C 44 19.43 -0.08 -19.31
CA LYS C 44 18.62 -1.04 -18.60
C LYS C 44 17.91 -1.98 -19.60
N ALA C 45 17.35 -1.40 -20.66
CA ALA C 45 16.69 -2.21 -21.71
C ALA C 45 17.66 -3.15 -22.40
N ARG C 46 18.91 -2.71 -22.65
CA ARG C 46 19.91 -3.58 -23.26
CA ARG C 46 19.92 -3.59 -23.25
C ARG C 46 20.16 -4.77 -22.34
N LYS C 47 20.19 -4.50 -21.04
CA LYS C 47 20.44 -5.59 -20.10
C LYS C 47 19.22 -6.50 -20.03
N LYS C 48 18.03 -5.89 -19.97
CA LYS C 48 16.81 -6.69 -19.98
C LYS C 48 16.71 -7.59 -21.24
N PHE C 49 17.13 -7.07 -22.40
CA PHE C 49 17.19 -7.86 -23.63
C PHE C 49 18.04 -9.12 -23.49
N VAL C 50 19.26 -8.94 -23.01
CA VAL C 50 20.19 -10.06 -22.87
C VAL C 50 19.65 -11.07 -21.84
N ALA C 51 19.09 -10.51 -20.77
CA ALA C 51 18.54 -11.27 -19.68
C ALA C 51 17.40 -12.19 -20.14
N ALA C 52 16.62 -11.75 -21.14
CA ALA C 52 15.50 -12.58 -21.65
C ALA C 52 15.96 -13.90 -22.24
N GLY C 53 17.08 -13.89 -22.94
CA GLY C 53 17.60 -15.10 -23.58
C GLY C 53 16.83 -15.55 -24.81
N PHE C 54 16.59 -14.63 -25.75
CA PHE C 54 15.76 -14.99 -26.91
C PHE C 54 16.40 -16.05 -27.81
N SER C 55 17.73 -16.10 -27.92
CA SER C 55 18.31 -17.16 -28.73
C SER C 55 18.26 -18.50 -28.00
N ARG C 56 18.24 -18.46 -26.67
CA ARG C 56 18.14 -19.69 -25.91
C ARG C 56 16.76 -20.35 -26.14
N VAL C 57 15.70 -19.54 -26.12
CA VAL C 57 14.36 -20.15 -26.37
C VAL C 57 14.31 -20.68 -27.80
N THR C 58 14.96 -20.01 -28.75
CA THR C 58 14.98 -20.54 -30.11
C THR C 58 15.70 -21.87 -30.19
N CYS C 59 16.80 -22.00 -29.44
CA CYS C 59 17.57 -23.24 -29.46
C CYS C 59 16.87 -24.36 -28.70
N LEU C 60 15.99 -23.97 -27.77
CA LEU C 60 15.19 -25.00 -27.09
C LEU C 60 14.04 -25.43 -28.00
N TYR C 61 13.56 -24.49 -28.81
CA TYR C 61 12.46 -24.75 -29.76
C TYR C 61 12.86 -25.67 -30.87
N PHE C 62 14.06 -25.43 -31.44
CA PHE C 62 14.51 -26.17 -32.60
C PHE C 62 15.88 -26.83 -32.34
N PRO C 63 15.94 -27.76 -31.39
CA PRO C 63 17.24 -28.35 -31.03
C PRO C 63 17.86 -29.19 -32.14
N LYS C 64 17.07 -29.64 -33.12
CA LYS C 64 17.64 -30.40 -34.23
C LYS C 64 17.78 -29.56 -35.54
N ALA C 65 17.78 -28.24 -35.39
CA ALA C 65 18.05 -27.39 -36.54
C ALA C 65 19.45 -27.66 -37.09
N LEU C 66 19.60 -27.58 -38.41
CA LEU C 66 20.92 -27.66 -39.05
C LEU C 66 21.84 -26.56 -38.51
N ASP C 67 23.12 -26.90 -38.32
CA ASP C 67 24.06 -25.98 -37.70
C ASP C 67 24.14 -24.65 -38.47
N ASP C 68 24.01 -24.70 -39.78
CA ASP C 68 24.11 -23.44 -40.54
C ASP C 68 22.76 -22.71 -40.75
N ARG C 69 21.69 -23.19 -40.10
CA ARG C 69 20.39 -22.49 -40.25
C ARG C 69 19.84 -21.96 -38.94
N ILE C 70 20.35 -22.46 -37.81
CA ILE C 70 19.83 -22.09 -36.54
C ILE C 70 19.92 -20.58 -36.27
N HIS C 71 20.96 -19.90 -36.75
CA HIS C 71 21.05 -18.46 -36.48
C HIS C 71 19.92 -17.68 -37.17
N PHE C 72 19.43 -18.18 -38.32
CA PHE C 72 18.36 -17.47 -39.02
C PHE C 72 17.14 -17.44 -38.12
N ALA C 73 16.87 -18.61 -37.54
CA ALA C 73 15.74 -18.77 -36.63
C ALA C 73 15.88 -17.90 -35.40
N CYS C 74 17.08 -17.86 -34.80
CA CYS C 74 17.30 -16.95 -33.67
C CYS C 74 17.03 -15.49 -34.00
N ARG C 75 17.47 -15.06 -35.18
CA ARG C 75 17.27 -13.65 -35.58
C ARG C 75 15.79 -13.35 -35.76
N LEU C 76 15.09 -14.28 -36.40
CA LEU C 76 13.66 -14.03 -36.72
C LEU C 76 12.88 -13.96 -35.41
N LEU C 77 13.05 -14.95 -34.54
CA LEU C 77 12.27 -14.92 -33.29
C LEU C 77 12.72 -13.76 -32.42
N THR C 78 14.00 -13.41 -32.44
CA THR C 78 14.40 -12.25 -31.67
C THR C 78 13.71 -10.97 -32.13
N VAL C 79 13.66 -10.71 -33.43
CA VAL C 79 13.10 -9.45 -33.85
C VAL C 79 11.55 -9.47 -33.59
N LEU C 80 10.93 -10.64 -33.71
CA LEU C 80 9.49 -10.74 -33.43
C LEU C 80 9.20 -10.45 -31.96
N PHE C 81 10.05 -10.95 -31.06
CA PHE C 81 9.86 -10.65 -29.64
C PHE C 81 10.01 -9.17 -29.35
N LEU C 82 11.01 -8.55 -29.96
CA LEU C 82 11.22 -7.13 -29.75
C LEU C 82 10.01 -6.31 -30.20
N ILE C 83 9.44 -6.70 -31.35
CA ILE C 83 8.28 -5.99 -31.88
C ILE C 83 7.08 -6.29 -30.95
N ASP C 84 6.99 -7.55 -30.53
CA ASP C 84 5.91 -7.97 -29.62
C ASP C 84 5.87 -7.00 -28.42
N ASP C 85 7.03 -6.64 -27.89
CA ASP C 85 7.04 -5.72 -26.74
C ASP C 85 6.73 -4.27 -27.10
N LEU C 86 7.14 -3.79 -28.28
CA LEU C 86 6.85 -2.41 -28.67
C LEU C 86 5.37 -2.19 -28.89
N LEU C 87 4.71 -3.23 -29.39
CA LEU C 87 3.29 -3.14 -29.72
C LEU C 87 2.44 -2.88 -28.45
N GLU C 88 2.93 -3.32 -27.31
CA GLU C 88 2.20 -3.11 -26.05
C GLU C 88 2.01 -1.65 -25.72
N TYR C 89 2.82 -0.76 -26.32
CA TYR C 89 2.68 0.66 -26.01
C TYR C 89 2.02 1.44 -27.13
N MET C 90 1.41 0.71 -28.07
CA MET C 90 0.71 1.34 -29.19
C MET C 90 -0.80 1.00 -29.15
N SER C 91 -1.61 1.83 -29.82
CA SER C 91 -3.00 1.53 -30.10
C SER C 91 -3.07 0.36 -31.07
N PHE C 92 -4.26 -0.25 -31.24
CA PHE C 92 -4.40 -1.33 -32.23
C PHE C 92 -4.15 -0.73 -33.60
N GLU C 93 -4.63 0.48 -33.80
CA GLU C 93 -4.46 1.12 -35.09
C GLU C 93 -2.96 1.43 -35.37
N GLU C 94 -2.24 1.88 -34.35
CA GLU C 94 -0.81 2.23 -34.51
C GLU C 94 0.04 0.97 -34.72
N GLY C 95 -0.29 -0.08 -33.96
CA GLY C 95 0.40 -1.35 -34.10
C GLY C 95 0.18 -1.90 -35.50
N SER C 96 -1.05 -1.78 -35.99
CA SER C 96 -1.34 -2.35 -37.27
C SER C 96 -0.56 -1.62 -38.35
N ALA C 97 -0.52 -0.29 -38.29
CA ALA C 97 0.25 0.47 -39.29
C ALA C 97 1.75 0.11 -39.23
N TYR C 98 2.26 -0.13 -38.03
CA TYR C 98 3.65 -0.52 -37.79
C TYR C 98 3.92 -1.86 -38.49
N ASN C 99 3.12 -2.87 -38.16
CA ASN C 99 3.27 -4.19 -38.75
C ASN C 99 3.05 -4.21 -40.23
N GLU C 100 2.03 -3.51 -40.72
CA GLU C 100 1.79 -3.54 -42.16
C GLU C 100 2.93 -2.95 -42.96
N LYS C 101 3.66 -1.96 -42.42
CA LYS C 101 4.81 -1.41 -43.17
C LYS C 101 5.90 -2.49 -43.37
N LEU C 102 6.00 -3.41 -42.42
CA LEU C 102 7.09 -4.40 -42.44
C LEU C 102 6.76 -5.58 -43.35
N ILE C 103 5.48 -5.74 -43.69
CA ILE C 103 5.12 -6.91 -44.47
C ILE C 103 5.66 -6.89 -45.94
N PRO C 104 5.44 -5.82 -46.70
CA PRO C 104 6.08 -5.82 -48.04
C PRO C 104 7.61 -5.87 -47.99
N ILE C 105 8.18 -5.31 -46.94
CA ILE C 105 9.63 -5.34 -46.73
C ILE C 105 10.09 -6.78 -46.48
N SER C 106 9.35 -7.54 -45.65
CA SER C 106 9.63 -8.97 -45.47
C SER C 106 9.52 -9.76 -46.77
N ARG C 107 8.51 -9.45 -47.59
CA ARG C 107 8.41 -10.10 -48.90
C ARG C 107 9.59 -9.75 -49.84
N GLY C 108 10.31 -8.68 -49.53
CA GLY C 108 11.37 -8.16 -50.42
C GLY C 108 10.85 -7.24 -51.52
N ASP C 109 9.57 -6.87 -51.43
CA ASP C 109 8.93 -6.07 -52.48
C ASP C 109 9.27 -4.57 -52.35
N VAL C 110 9.68 -4.15 -51.17
CA VAL C 110 9.93 -2.77 -50.85
C VAL C 110 11.28 -2.67 -50.12
N LEU C 111 12.16 -1.79 -50.58
CA LEU C 111 13.49 -1.60 -49.94
C LEU C 111 13.35 -0.93 -48.56
N PRO C 112 14.21 -1.30 -47.61
CA PRO C 112 14.09 -0.67 -46.29
C PRO C 112 14.66 0.76 -46.29
N ASP C 113 14.11 1.62 -45.45
CA ASP C 113 14.79 2.86 -45.07
C ASP C 113 15.94 2.47 -44.15
N ARG C 114 17.19 2.60 -44.59
CA ARG C 114 18.30 2.07 -43.78
CA ARG C 114 18.23 2.02 -43.74
C ARG C 114 18.58 2.93 -42.55
N SER C 115 17.85 4.03 -42.37
CA SER C 115 18.02 4.78 -41.12
C SER C 115 17.09 4.21 -40.02
N ILE C 116 16.23 3.27 -40.38
CA ILE C 116 15.34 2.65 -39.40
C ILE C 116 15.70 1.19 -39.20
N PRO C 117 16.26 0.84 -38.02
CA PRO C 117 16.75 -0.51 -37.79
C PRO C 117 15.73 -1.62 -38.01
N VAL C 118 14.49 -1.47 -37.52
CA VAL C 118 13.61 -2.63 -37.70
C VAL C 118 13.43 -2.92 -39.21
N GLU C 119 13.44 -1.89 -40.06
CA GLU C 119 13.24 -2.07 -41.49
C GLU C 119 14.40 -2.78 -42.12
N TYR C 120 15.64 -2.36 -41.85
CA TYR C 120 16.69 -3.07 -42.57
C TYR C 120 17.01 -4.41 -41.94
N ILE C 121 16.77 -4.57 -40.63
CA ILE C 121 17.02 -5.87 -40.00
C ILE C 121 16.08 -6.90 -40.64
N ILE C 122 14.81 -6.51 -40.75
CA ILE C 122 13.79 -7.38 -41.38
C ILE C 122 14.13 -7.65 -42.83
N TYR C 123 14.43 -6.60 -43.60
CA TYR C 123 14.74 -6.84 -45.01
C TYR C 123 15.94 -7.76 -45.18
N ASP C 124 17.03 -7.44 -44.49
CA ASP C 124 18.27 -8.22 -44.67
C ASP C 124 18.06 -9.67 -44.24
N LEU C 125 17.30 -9.87 -43.17
CA LEU C 125 17.13 -11.22 -42.65
C LEU C 125 16.40 -12.11 -43.67
N TRP C 126 15.29 -11.61 -44.21
CA TRP C 126 14.52 -12.40 -45.14
C TRP C 126 15.26 -12.58 -46.44
N GLU C 127 15.97 -11.55 -46.87
CA GLU C 127 16.75 -11.72 -48.08
C GLU C 127 17.79 -12.84 -47.89
N SER C 128 18.42 -12.89 -46.72
CA SER C 128 19.42 -13.92 -46.49
C SER C 128 18.79 -15.32 -46.37
N MET C 129 17.61 -15.41 -45.76
CA MET C 129 16.89 -16.70 -45.72
C MET C 129 16.48 -17.20 -47.10
N ARG C 130 15.96 -16.31 -47.96
CA ARG C 130 15.64 -16.73 -49.31
C ARG C 130 16.86 -17.08 -50.11
N ALA C 131 17.97 -16.39 -49.87
CA ALA C 131 19.23 -16.78 -50.52
C ALA C 131 19.64 -18.22 -50.11
N HIS C 132 19.42 -18.56 -48.84
CA HIS C 132 19.78 -19.88 -48.33
C HIS C 132 18.88 -21.01 -48.81
N ASP C 133 17.57 -20.77 -48.81
CA ASP C 133 16.57 -21.79 -49.20
C ASP C 133 15.29 -21.07 -49.59
N ARG C 134 15.17 -20.73 -50.88
CA ARG C 134 14.08 -19.91 -51.39
C ARG C 134 12.73 -20.45 -51.03
N GLU C 135 12.49 -21.71 -51.40
CA GLU C 135 11.18 -22.31 -51.26
C GLU C 135 10.77 -22.47 -49.80
N MET C 136 11.67 -22.92 -48.92
CA MET C 136 11.29 -23.06 -47.52
C MET C 136 11.14 -21.72 -46.82
N ALA C 137 11.91 -20.71 -47.25
CA ALA C 137 11.81 -19.39 -46.63
C ALA C 137 10.47 -18.77 -46.99
N ASP C 138 10.07 -18.97 -48.24
CA ASP C 138 8.79 -18.39 -48.72
C ASP C 138 7.58 -18.95 -47.96
N GLU C 139 7.69 -20.19 -47.52
CA GLU C 139 6.63 -20.82 -46.73
C GLU C 139 6.46 -20.27 -45.32
N ILE C 140 7.37 -19.43 -44.87
CA ILE C 140 7.22 -18.85 -43.55
C ILE C 140 6.49 -17.51 -43.59
N LEU C 141 6.45 -16.86 -44.76
CA LEU C 141 5.99 -15.48 -44.83
C LEU C 141 4.52 -15.31 -44.39
N GLU C 142 3.59 -16.02 -45.05
CA GLU C 142 2.16 -15.81 -44.71
C GLU C 142 1.86 -16.23 -43.25
N PRO C 143 2.52 -17.30 -42.75
CA PRO C 143 2.37 -17.56 -41.31
C PRO C 143 2.80 -16.42 -40.41
N VAL C 144 3.92 -15.76 -40.73
CA VAL C 144 4.32 -14.61 -39.92
C VAL C 144 3.26 -13.50 -40.04
N PHE C 145 2.77 -13.27 -41.25
CA PHE C 145 1.85 -12.12 -41.43
C PHE C 145 0.52 -12.37 -40.69
N LEU C 146 0.09 -13.63 -40.70
CA LEU C 146 -1.08 -14.09 -39.95
C LEU C 146 -0.95 -13.78 -38.47
N PHE C 147 0.24 -14.07 -37.94
CA PHE C 147 0.56 -13.75 -36.57
C PHE C 147 0.62 -12.22 -36.30
N MET C 148 1.31 -11.47 -37.15
CA MET C 148 1.36 -10.01 -37.01
C MET C 148 -0.04 -9.39 -36.95
N ARG C 149 -0.92 -9.85 -37.84
CA ARG C 149 -2.25 -9.28 -37.89
C ARG C 149 -3.09 -9.69 -36.69
N ALA C 150 -2.85 -10.89 -36.12
CA ALA C 150 -3.50 -11.24 -34.87
C ALA C 150 -3.14 -10.31 -33.72
N GLN C 151 -1.92 -9.78 -33.73
CA GLN C 151 -1.46 -9.07 -32.55
C GLN C 151 -2.26 -7.80 -32.34
N THR C 152 -2.84 -7.26 -33.40
CA THR C 152 -3.56 -6.02 -33.27
C THR C 152 -5.03 -6.15 -33.63
N ASP C 153 -5.51 -7.39 -33.56
CA ASP C 153 -6.91 -7.73 -33.85
C ASP C 153 -7.78 -7.22 -32.70
N ARG C 154 -8.80 -6.40 -32.96
CA ARG C 154 -9.64 -5.88 -31.85
C ARG C 154 -10.42 -6.97 -31.11
N THR C 155 -10.49 -8.17 -31.68
CA THR C 155 -11.03 -9.31 -30.93
C THR C 155 -10.39 -9.48 -29.53
N ARG C 156 -9.12 -9.06 -29.37
CA ARG C 156 -8.48 -9.08 -28.06
C ARG C 156 -9.21 -8.26 -27.00
N ALA C 157 -9.92 -7.22 -27.41
CA ALA C 157 -10.61 -6.32 -26.48
C ALA C 157 -12.06 -6.74 -26.18
N ARG C 158 -12.49 -7.85 -26.76
CA ARG C 158 -13.87 -8.32 -26.61
C ARG C 158 -13.94 -9.65 -25.86
N PRO C 159 -15.10 -9.93 -25.21
CA PRO C 159 -15.23 -11.17 -24.43
C PRO C 159 -14.99 -12.42 -25.28
N MET C 160 -14.35 -13.42 -24.70
CA MET C 160 -14.06 -14.66 -25.42
C MET C 160 -14.22 -15.81 -24.41
N GLY C 161 -14.68 -16.95 -24.90
CA GLY C 161 -14.65 -18.12 -24.04
C GLY C 161 -13.38 -18.90 -24.34
N LEU C 162 -13.15 -19.99 -23.61
CA LEU C 162 -11.91 -20.73 -23.74
C LEU C 162 -11.71 -21.23 -25.17
N GLY C 163 -12.78 -21.74 -25.77
CA GLY C 163 -12.70 -22.24 -27.13
C GLY C 163 -12.39 -21.20 -28.19
N GLY C 164 -13.10 -20.08 -28.12
CA GLY C 164 -12.87 -19.00 -29.06
C GLY C 164 -11.46 -18.43 -28.87
N TYR C 165 -11.03 -18.37 -27.62
CA TYR C 165 -9.72 -17.83 -27.32
C TYR C 165 -8.59 -18.70 -27.90
N LEU C 166 -8.71 -20.01 -27.74
CA LEU C 166 -7.66 -20.91 -28.23
C LEU C 166 -7.56 -20.86 -29.73
N GLU C 167 -8.70 -20.66 -30.40
CA GLU C 167 -8.70 -20.53 -31.84
C GLU C 167 -7.98 -19.24 -32.27
N TYR C 168 -8.20 -18.16 -31.55
CA TYR C 168 -7.50 -16.92 -31.83
C TYR C 168 -6.00 -16.97 -31.45
N ARG C 169 -5.70 -17.57 -30.31
CA ARG C 169 -4.35 -17.61 -29.76
C ARG C 169 -3.42 -18.38 -30.63
N GLU C 170 -3.96 -19.30 -31.42
CA GLU C 170 -3.17 -20.08 -32.35
C GLU C 170 -2.43 -19.14 -33.32
N ARG C 171 -3.09 -18.06 -33.71
CA ARG C 171 -2.46 -17.07 -34.55
C ARG C 171 -1.54 -16.14 -33.74
N ASP C 172 -2.05 -15.64 -32.61
CA ASP C 172 -1.33 -14.67 -31.78
C ASP C 172 -0.04 -15.27 -31.19
N VAL C 173 0.00 -16.58 -30.99
CA VAL C 173 1.20 -17.23 -30.46
C VAL C 173 2.18 -17.63 -31.59
N GLY C 174 1.76 -17.50 -32.86
CA GLY C 174 2.60 -17.84 -33.98
C GLY C 174 2.83 -19.30 -34.20
N LYS C 175 1.83 -20.16 -33.91
CA LYS C 175 2.02 -21.59 -34.08
C LYS C 175 2.47 -21.95 -35.48
N GLU C 176 1.82 -21.39 -36.49
CA GLU C 176 2.11 -21.73 -37.86
C GLU C 176 3.51 -21.25 -38.31
N LEU C 177 3.90 -20.04 -37.92
CA LEU C 177 5.25 -19.59 -38.32
C LEU C 177 6.30 -20.43 -37.63
N LEU C 178 6.06 -20.80 -36.37
CA LEU C 178 7.02 -21.68 -35.67
C LEU C 178 7.15 -23.04 -36.34
N ALA C 179 6.05 -23.56 -36.84
CA ALA C 179 6.09 -24.82 -37.58
C ALA C 179 6.89 -24.70 -38.88
N ALA C 180 6.64 -23.64 -39.65
CA ALA C 180 7.35 -23.46 -40.92
C ALA C 180 8.82 -23.13 -40.67
N LEU C 181 9.07 -22.43 -39.58
CA LEU C 181 10.45 -22.03 -39.23
C LEU C 181 11.22 -23.26 -38.76
N MET C 182 10.59 -24.11 -37.96
CA MET C 182 11.19 -25.39 -37.62
C MET C 182 11.56 -26.18 -38.86
N ARG C 183 10.64 -26.30 -39.80
CA ARG C 183 10.91 -27.07 -41.02
C ARG C 183 12.05 -26.47 -41.82
N PHE C 184 12.01 -25.15 -41.98
CA PHE C 184 13.09 -24.42 -42.66
C PHE C 184 14.43 -24.72 -41.98
N SER C 185 14.42 -24.64 -40.66
CA SER C 185 15.67 -24.75 -39.88
C SER C 185 16.24 -26.18 -39.91
N MET C 186 15.39 -27.18 -40.09
CA MET C 186 15.83 -28.56 -40.21
C MET C 186 16.03 -29.00 -41.64
N GLY C 187 15.70 -28.13 -42.59
CA GLY C 187 15.67 -28.55 -43.99
C GLY C 187 14.65 -29.66 -44.26
N LEU C 188 13.59 -29.69 -43.47
CA LEU C 188 12.63 -30.80 -43.47
C LEU C 188 11.47 -30.47 -44.40
N LYS C 189 11.46 -31.02 -45.61
CA LYS C 189 10.42 -30.76 -46.62
C LYS C 189 9.27 -31.76 -46.51
N LEU C 190 8.04 -31.26 -46.44
CA LEU C 190 6.87 -32.14 -46.30
C LEU C 190 5.88 -31.81 -47.41
N SER C 191 5.24 -32.82 -48.00
CA SER C 191 4.31 -32.58 -49.09
C SER C 191 3.03 -31.98 -48.51
N PRO C 192 2.17 -31.41 -49.38
CA PRO C 192 0.88 -30.95 -48.86
C PRO C 192 0.08 -32.06 -48.20
N SER C 193 0.13 -33.25 -48.78
CA SER C 193 -0.60 -34.39 -48.20
C SER C 193 -0.09 -34.77 -46.79
N GLU C 194 1.22 -34.83 -46.62
CA GLU C 194 1.79 -35.08 -45.29
C GLU C 194 1.39 -34.04 -44.27
N LEU C 195 1.46 -32.76 -44.66
CA LEU C 195 1.04 -31.70 -43.76
C LEU C 195 -0.44 -31.81 -43.41
N GLN C 196 -1.25 -32.25 -44.36
CA GLN C 196 -2.69 -32.40 -44.07
C GLN C 196 -2.89 -33.52 -43.07
N ARG C 197 -2.05 -34.57 -43.15
CA ARG C 197 -2.19 -35.66 -42.17
C ARG C 197 -1.96 -35.25 -40.73
N VAL C 198 -1.15 -34.21 -40.50
CA VAL C 198 -0.84 -33.88 -39.12
C VAL C 198 -1.54 -32.62 -38.67
N ARG C 199 -2.59 -32.23 -39.40
CA ARG C 199 -3.30 -31.00 -39.03
C ARG C 199 -3.85 -31.04 -37.59
N GLU C 200 -4.38 -32.19 -37.19
CA GLU C 200 -5.00 -32.29 -35.88
C GLU C 200 -3.90 -32.30 -34.78
N ILE C 201 -2.77 -32.89 -35.11
CA ILE C 201 -1.61 -32.84 -34.20
C ILE C 201 -1.08 -31.41 -34.03
N ASP C 202 -1.03 -30.65 -35.13
CA ASP C 202 -0.64 -29.23 -35.06
C ASP C 202 -1.59 -28.43 -34.15
N ALA C 203 -2.90 -28.62 -34.32
CA ALA C 203 -3.89 -27.85 -33.53
C ALA C 203 -3.76 -28.12 -32.02
N ASN C 204 -3.57 -29.38 -31.68
CA ASN C 204 -3.37 -29.77 -30.28
C ASN C 204 -2.11 -29.12 -29.68
N CYS C 205 -1.01 -29.21 -30.43
CA CYS C 205 0.28 -28.61 -30.04
C CYS C 205 0.14 -27.10 -29.80
N SER C 206 -0.63 -26.43 -30.66
CA SER C 206 -0.86 -25.01 -30.53
C SER C 206 -1.44 -24.62 -29.18
N LYS C 207 -2.39 -25.43 -28.71
CA LYS C 207 -3.05 -25.14 -27.43
C LYS C 207 -2.03 -25.24 -26.29
N HIS C 208 -1.18 -26.25 -26.35
CA HIS C 208 -0.13 -26.41 -25.35
C HIS C 208 0.83 -25.18 -25.32
N LEU C 209 1.36 -24.79 -26.49
CA LEU C 209 2.24 -23.62 -26.56
C LEU C 209 1.57 -22.36 -26.00
N SER C 210 0.32 -22.16 -26.42
CA SER C 210 -0.47 -21.00 -26.01
C SER C 210 -0.65 -20.89 -24.51
N VAL C 211 -1.06 -21.99 -23.91
CA VAL C 211 -1.45 -21.95 -22.52
C VAL C 211 -0.24 -22.03 -21.58
N VAL C 212 0.75 -22.85 -21.92
CA VAL C 212 2.01 -22.81 -21.15
C VAL C 212 2.58 -21.37 -21.13
N ASN C 213 2.55 -20.70 -22.27
CA ASN C 213 3.00 -19.31 -22.26
C ASN C 213 2.10 -18.43 -21.41
N ASP C 214 0.79 -18.59 -21.56
CA ASP C 214 -0.15 -17.79 -20.77
C ASP C 214 0.11 -17.93 -19.26
N ILE C 215 0.39 -19.16 -18.82
CA ILE C 215 0.62 -19.47 -17.43
C ILE C 215 1.88 -18.75 -16.92
N TYR C 216 3.01 -19.00 -17.56
CA TYR C 216 4.27 -18.39 -17.13
C TYR C 216 4.37 -16.91 -17.36
N SER C 217 3.73 -16.40 -18.40
CA SER C 217 3.87 -14.98 -18.72
C SER C 217 2.77 -14.12 -18.09
N TYR C 218 1.95 -14.73 -17.24
CA TYR C 218 0.80 -14.00 -16.69
C TYR C 218 1.17 -12.79 -15.82
N GLU C 219 2.09 -12.95 -14.89
CA GLU C 219 2.43 -11.81 -14.03
C GLU C 219 2.96 -10.64 -14.87
N LYS C 220 3.85 -10.93 -15.83
CA LYS C 220 4.30 -9.91 -16.79
C LYS C 220 3.14 -9.21 -17.50
N GLU C 221 2.19 -9.99 -18.02
CA GLU C 221 1.15 -9.38 -18.84
C GLU C 221 0.13 -8.59 -17.98
N LEU C 222 -0.09 -9.06 -16.77
CA LEU C 222 -0.89 -8.33 -15.79
C LEU C 222 -0.27 -6.96 -15.53
N TYR C 223 1.02 -6.97 -15.24
CA TYR C 223 1.72 -5.73 -14.96
C TYR C 223 1.62 -4.79 -16.16
N THR C 224 1.91 -5.31 -17.34
CA THR C 224 1.78 -4.53 -18.56
C THR C 224 0.38 -3.91 -18.72
N SER C 225 -0.67 -4.65 -18.32
CA SER C 225 -2.04 -4.17 -18.57
C SER C 225 -2.37 -2.98 -17.69
N LYS C 226 -1.67 -2.90 -16.56
CA LYS C 226 -1.85 -1.84 -15.58
C LYS C 226 -1.03 -0.56 -15.87
N THR C 227 -0.04 -0.66 -16.75
CA THR C 227 0.92 0.44 -16.96
C THR C 227 1.11 0.85 -18.41
N ALA C 228 0.80 -0.06 -19.34
CA ALA C 228 1.06 0.22 -20.74
C ALA C 228 -0.11 0.89 -21.40
N HIS C 229 -0.16 0.75 -22.73
CA HIS C 229 -1.23 1.34 -23.51
C HIS C 229 -2.55 0.60 -23.28
N SER C 230 -3.64 1.35 -23.34
CA SER C 230 -4.96 0.77 -23.09
C SER C 230 -5.30 -0.34 -24.10
N GLU C 231 -4.89 -0.21 -25.37
CA GLU C 231 -5.18 -1.27 -26.32
C GLU C 231 -4.04 -2.30 -26.39
N GLY C 232 -2.83 -1.86 -26.73
CA GLY C 232 -1.70 -2.74 -26.86
C GLY C 232 -1.41 -3.54 -25.62
N GLY C 233 -1.72 -2.96 -24.47
CA GLY C 233 -1.46 -3.61 -23.21
C GLY C 233 -2.62 -4.45 -22.69
N ILE C 234 -3.71 -4.53 -23.45
CA ILE C 234 -4.91 -5.22 -22.96
C ILE C 234 -4.60 -6.67 -22.65
N LEU C 235 -5.11 -7.12 -21.52
CA LEU C 235 -4.89 -8.48 -21.06
C LEU C 235 -5.83 -9.41 -21.80
N CYS C 236 -5.29 -10.34 -22.56
CA CYS C 236 -6.10 -11.34 -23.24
C CYS C 236 -5.36 -12.65 -23.06
N THR C 237 -5.85 -13.52 -22.18
CA THR C 237 -5.11 -14.70 -21.84
C THR C 237 -6.03 -15.75 -21.23
N SER C 238 -5.69 -17.03 -21.42
CA SER C 238 -6.47 -18.14 -20.88
C SER C 238 -6.60 -18.10 -19.36
N VAL C 239 -5.62 -17.50 -18.68
CA VAL C 239 -5.65 -17.38 -17.23
C VAL C 239 -6.83 -16.52 -16.79
N GLN C 240 -6.97 -15.36 -17.40
CA GLN C 240 -8.11 -14.50 -17.15
C GLN C 240 -9.43 -15.11 -17.58
N ILE C 241 -9.46 -15.66 -18.79
CA ILE C 241 -10.68 -16.23 -19.33
C ILE C 241 -11.22 -17.34 -18.42
N LEU C 242 -10.37 -18.28 -18.00
CA LEU C 242 -10.84 -19.35 -17.13
C LEU C 242 -11.24 -18.81 -15.75
N ALA C 243 -10.44 -17.91 -15.18
CA ALA C 243 -10.81 -17.31 -13.89
C ALA C 243 -12.17 -16.63 -13.96
N GLN C 244 -12.46 -16.00 -15.07
CA GLN C 244 -13.70 -15.29 -15.21
C GLN C 244 -14.88 -16.26 -15.41
N GLU C 245 -14.67 -17.34 -16.16
CA GLU C 245 -15.74 -18.27 -16.48
C GLU C 245 -16.09 -19.13 -15.27
N ALA C 246 -15.05 -19.49 -14.51
CA ALA C 246 -15.18 -20.36 -13.36
C ALA C 246 -15.35 -19.57 -12.07
N ASP C 247 -15.18 -18.25 -12.14
CA ASP C 247 -15.18 -17.41 -10.94
C ASP C 247 -14.21 -17.92 -9.86
N VAL C 248 -12.93 -18.02 -10.22
CA VAL C 248 -11.86 -18.28 -9.27
C VAL C 248 -10.71 -17.27 -9.50
N THR C 249 -9.63 -17.39 -8.74
CA THR C 249 -8.50 -16.47 -8.90
C THR C 249 -7.64 -16.87 -10.07
N ALA C 250 -6.81 -15.95 -10.55
CA ALA C 250 -5.77 -16.27 -11.55
C ALA C 250 -4.86 -17.41 -11.08
N GLU C 251 -4.52 -17.46 -9.79
CA GLU C 251 -3.69 -18.56 -9.28
C GLU C 251 -4.35 -19.92 -9.46
N ALA C 252 -5.63 -19.98 -9.10
CA ALA C 252 -6.37 -21.23 -9.19
C ALA C 252 -6.48 -21.62 -10.67
N ALA C 253 -6.76 -20.63 -11.53
CA ALA C 253 -6.92 -20.88 -12.96
C ALA C 253 -5.63 -21.46 -13.53
N LYS C 254 -4.46 -20.99 -13.11
CA LYS C 254 -3.22 -21.57 -13.59
C LYS C 254 -3.05 -23.03 -13.24
N ARG C 255 -3.46 -23.41 -12.04
CA ARG C 255 -3.33 -24.80 -11.61
C ARG C 255 -4.25 -25.67 -12.48
N VAL C 256 -5.43 -25.18 -12.80
CA VAL C 256 -6.34 -25.98 -13.63
C VAL C 256 -5.78 -26.08 -15.07
N LEU C 257 -5.40 -24.94 -15.64
CA LEU C 257 -4.79 -24.87 -16.99
C LEU C 257 -3.57 -25.78 -17.10
N PHE C 258 -2.77 -25.84 -16.05
CA PHE C 258 -1.59 -26.71 -16.10
C PHE C 258 -1.96 -28.19 -16.28
N VAL C 259 -3.03 -28.62 -15.62
CA VAL C 259 -3.48 -29.99 -15.80
C VAL C 259 -3.99 -30.18 -17.23
N MET C 260 -4.67 -29.17 -17.76
CA MET C 260 -5.14 -29.26 -19.13
CA MET C 260 -5.13 -29.19 -19.13
C MET C 260 -3.92 -29.40 -20.06
N CYS C 261 -2.83 -28.68 -19.78
CA CYS C 261 -1.63 -28.85 -20.63
C CYS C 261 -1.11 -30.28 -20.67
N ARG C 262 -1.09 -30.97 -19.53
CA ARG C 262 -0.64 -32.37 -19.57
C ARG C 262 -1.63 -33.28 -20.31
N GLU C 263 -2.92 -32.91 -20.30
CA GLU C 263 -3.88 -33.67 -21.10
C GLU C 263 -3.55 -33.52 -22.60
N TRP C 264 -3.17 -32.31 -23.02
CA TRP C 264 -2.84 -32.13 -24.45
C TRP C 264 -1.56 -32.90 -24.81
N GLU C 265 -0.62 -33.01 -23.86
CA GLU C 265 0.54 -33.86 -24.05
C GLU C 265 0.17 -35.32 -24.28
N LEU C 266 -0.77 -35.83 -23.49
CA LEU C 266 -1.21 -37.22 -23.69
C LEU C 266 -1.90 -37.38 -25.02
N ARG C 267 -2.72 -36.39 -25.37
CA ARG C 267 -3.42 -36.44 -26.64
C ARG C 267 -2.41 -36.46 -27.81
N HIS C 268 -1.33 -35.68 -27.65
CA HIS C 268 -0.28 -35.68 -28.68
C HIS C 268 0.24 -37.08 -28.86
N GLN C 269 0.52 -37.76 -27.75
CA GLN C 269 1.05 -39.12 -27.87
C GLN C 269 0.06 -40.08 -28.50
N LEU C 270 -1.21 -39.95 -28.13
CA LEU C 270 -2.25 -40.77 -28.73
C LEU C 270 -2.36 -40.57 -30.24
N LEU C 271 -2.40 -39.31 -30.65
CA LEU C 271 -2.57 -38.98 -32.07
C LEU C 271 -1.41 -39.49 -32.88
N VAL C 272 -0.19 -39.33 -32.36
CA VAL C 272 1.00 -39.80 -33.08
C VAL C 272 0.98 -41.34 -33.19
N ALA C 273 0.57 -42.02 -32.12
CA ALA C 273 0.53 -43.48 -32.12
C ALA C 273 -0.47 -43.99 -33.15
N ARG C 274 -1.62 -43.32 -33.25
CA ARG C 274 -2.58 -43.68 -34.28
C ARG C 274 -2.05 -43.46 -35.70
N LEU C 275 -1.41 -42.32 -35.94
CA LEU C 275 -0.78 -42.06 -37.24
C LEU C 275 0.18 -43.19 -37.63
N SER C 276 0.98 -43.61 -36.66
CA SER C 276 1.93 -44.68 -36.89
C SER C 276 1.24 -46.03 -37.07
N ALA C 277 0.25 -46.31 -36.24
CA ALA C 277 -0.54 -47.56 -36.36
C ALA C 277 -1.23 -47.70 -37.73
N GLU C 278 -1.84 -46.62 -38.22
CA GLU C 278 -2.32 -46.59 -39.60
C GLU C 278 -1.04 -46.58 -40.43
N GLY C 279 -1.04 -46.77 -41.72
CA GLY C 279 0.31 -46.82 -42.27
C GLY C 279 0.94 -45.47 -42.55
N LEU C 280 0.66 -44.44 -41.75
CA LEU C 280 0.75 -43.07 -42.29
C LEU C 280 1.88 -42.17 -41.80
N GLU C 281 2.73 -42.69 -40.92
CA GLU C 281 3.84 -41.89 -40.46
C GLU C 281 5.08 -42.10 -41.33
N THR C 282 5.26 -41.23 -42.32
CA THR C 282 6.44 -41.19 -43.17
C THR C 282 7.67 -40.77 -42.36
N PRO C 283 8.88 -40.99 -42.91
CA PRO C 283 10.05 -40.56 -42.12
C PRO C 283 10.08 -39.03 -41.89
N GLY C 284 9.63 -38.24 -42.87
CA GLY C 284 9.55 -36.81 -42.69
C GLY C 284 8.56 -36.47 -41.61
N LEU C 285 7.41 -37.17 -41.61
CA LEU C 285 6.42 -36.93 -40.56
C LEU C 285 6.94 -37.31 -39.18
N ALA C 286 7.70 -38.41 -39.10
CA ALA C 286 8.24 -38.83 -37.82
C ALA C 286 9.17 -37.74 -37.27
N ALA C 287 9.98 -37.13 -38.15
CA ALA C 287 10.90 -36.06 -37.71
C ALA C 287 10.08 -34.86 -37.23
N TYR C 288 9.02 -34.57 -37.98
CA TYR C 288 8.21 -33.38 -37.72
C TYR C 288 7.48 -33.46 -36.38
N VAL C 289 6.82 -34.61 -36.08
CA VAL C 289 6.05 -34.68 -34.83
C VAL C 289 6.99 -34.75 -33.60
N GLU C 290 8.14 -35.42 -33.76
CA GLU C 290 9.21 -35.29 -32.76
C GLU C 290 9.60 -33.82 -32.54
N GLY C 291 9.76 -33.08 -33.64
CA GLY C 291 10.10 -31.65 -33.56
C GLY C 291 9.05 -30.86 -32.78
N LEU C 292 7.76 -31.19 -32.98
CA LEU C 292 6.71 -30.52 -32.22
C LEU C 292 6.85 -30.79 -30.73
N GLU C 293 7.20 -32.03 -30.40
CA GLU C 293 7.35 -32.37 -28.98
C GLU C 293 8.49 -31.54 -28.35
N TYR C 294 9.61 -31.40 -29.08
CA TYR C 294 10.68 -30.51 -28.60
C TYR C 294 10.17 -29.10 -28.40
N GLN C 295 9.29 -28.62 -29.28
CA GLN C 295 8.82 -27.24 -29.13
C GLN C 295 8.08 -27.09 -27.84
N MET C 296 7.19 -28.05 -27.55
CA MET C 296 6.37 -27.95 -26.34
C MET C 296 7.24 -28.03 -25.08
N SER C 297 8.11 -29.00 -25.03
CA SER C 297 8.92 -29.15 -23.81
C SER C 297 9.94 -28.01 -23.67
N GLY C 298 10.49 -27.58 -24.80
CA GLY C 298 11.51 -26.51 -24.84
C GLY C 298 10.93 -25.18 -24.41
N ALA C 299 9.78 -24.82 -24.97
CA ALA C 299 9.10 -23.60 -24.54
C ALA C 299 8.85 -23.59 -23.03
N GLU C 300 8.39 -24.71 -22.50
CA GLU C 300 8.09 -24.77 -21.08
C GLU C 300 9.36 -24.59 -20.25
N LEU C 301 10.40 -25.35 -20.60
CA LEU C 301 11.70 -25.21 -19.91
C LEU C 301 12.19 -23.76 -19.96
N TRP C 302 12.22 -23.14 -21.14
CA TRP C 302 12.60 -21.72 -21.16
C TRP C 302 11.70 -20.88 -20.29
N SER C 303 10.38 -21.02 -20.44
CA SER C 303 9.44 -20.19 -19.67
C SER C 303 9.64 -20.29 -18.16
N GLN C 304 10.10 -21.46 -17.71
CA GLN C 304 10.28 -21.73 -16.28
C GLN C 304 11.46 -21.01 -15.71
N THR C 305 12.39 -20.64 -16.59
CA THR C 305 13.71 -20.21 -16.16
C THR C 305 14.06 -18.79 -16.63
N THR C 306 13.38 -18.28 -17.66
CA THR C 306 13.77 -16.99 -18.18
C THR C 306 13.41 -15.86 -17.24
N LEU C 307 14.31 -14.88 -17.18
CA LEU C 307 14.11 -13.68 -16.38
C LEU C 307 13.05 -12.80 -16.96
N ARG C 308 12.70 -13.05 -18.22
CA ARG C 308 11.63 -12.30 -18.86
C ARG C 308 10.34 -12.46 -18.04
N TYR C 309 10.18 -13.62 -17.42
CA TYR C 309 8.90 -13.90 -16.76
C TYR C 309 9.01 -13.85 -15.24
N SER C 310 10.17 -14.16 -14.69
CA SER C 310 10.31 -14.13 -13.22
C SER C 310 10.60 -12.72 -12.67
N VAL C 311 11.24 -11.84 -13.45
CA VAL C 311 11.34 -10.44 -13.07
C VAL C 311 10.77 -9.52 -14.15
N LEU D 8 -11.04 -43.41 -12.41
CA LEU D 8 -10.94 -41.99 -12.05
C LEU D 8 -10.52 -41.75 -10.61
N GLU D 9 -9.28 -41.31 -10.43
CA GLU D 9 -8.71 -41.05 -9.12
C GLU D 9 -8.96 -39.61 -8.69
N PRO D 10 -9.86 -39.40 -7.71
CA PRO D 10 -10.11 -38.03 -7.22
C PRO D 10 -8.84 -37.36 -6.68
N PRO D 11 -8.73 -36.04 -6.89
CA PRO D 11 -7.64 -35.30 -6.23
C PRO D 11 -7.97 -35.05 -4.74
N PRO D 12 -6.92 -34.94 -3.89
CA PRO D 12 -7.08 -34.73 -2.43
C PRO D 12 -8.12 -33.67 -2.08
N SER D 13 -8.80 -33.85 -0.95
CA SER D 13 -9.76 -32.87 -0.45
C SER D 13 -9.63 -32.63 1.08
N THR D 14 -9.98 -31.44 1.56
CA THR D 14 -9.97 -31.17 3.00
C THR D 14 -11.37 -31.30 3.60
N PHE D 15 -12.39 -31.32 2.74
CA PHE D 15 -13.78 -31.53 3.17
C PHE D 15 -14.00 -32.98 3.64
N GLN D 16 -14.66 -33.13 4.80
CA GLN D 16 -14.96 -34.45 5.33
C GLN D 16 -16.47 -34.69 5.34
N PRO D 17 -16.95 -35.75 4.67
CA PRO D 17 -18.40 -35.98 4.64
C PRO D 17 -18.95 -36.49 5.98
N LEU D 18 -20.18 -36.14 6.31
CA LEU D 18 -20.90 -36.72 7.45
C LEU D 18 -22.24 -37.33 7.01
N CYS D 19 -22.60 -38.49 7.57
CA CYS D 19 -23.90 -39.11 7.31
C CYS D 19 -24.82 -39.03 8.52
N HIS D 20 -26.07 -38.58 8.29
CA HIS D 20 -27.09 -38.54 9.34
C HIS D 20 -27.22 -39.88 10.07
N PRO D 21 -27.25 -39.84 11.42
CA PRO D 21 -27.28 -41.01 12.31
C PRO D 21 -28.33 -42.05 11.95
N LEU D 22 -29.50 -41.56 11.58
CA LEU D 22 -30.66 -42.42 11.36
C LEU D 22 -30.79 -42.93 9.93
N VAL D 23 -29.67 -43.04 9.21
CA VAL D 23 -29.74 -43.29 7.77
C VAL D 23 -30.46 -44.62 7.47
N GLU D 24 -30.18 -45.68 8.23
CA GLU D 24 -30.77 -47.00 7.95
C GLU D 24 -32.29 -47.01 8.13
N GLU D 25 -32.73 -46.48 9.25
CA GLU D 25 -34.14 -46.44 9.60
C GLU D 25 -34.92 -45.63 8.60
N VAL D 26 -34.36 -44.48 8.23
CA VAL D 26 -35.13 -43.57 7.39
C VAL D 26 -35.12 -44.11 5.95
N SER D 27 -34.01 -44.71 5.55
CA SER D 27 -33.93 -45.33 4.22
C SER D 27 -34.99 -46.41 4.04
N LYS D 28 -35.01 -47.35 4.98
CA LYS D 28 -35.97 -48.45 4.96
C LYS D 28 -37.38 -47.89 4.92
N GLU D 29 -37.66 -46.92 5.77
CA GLU D 29 -38.97 -46.29 5.76
C GLU D 29 -39.38 -45.63 4.43
N VAL D 30 -38.50 -44.77 3.88
CA VAL D 30 -38.86 -43.98 2.71
C VAL D 30 -38.79 -44.85 1.43
N ASP D 31 -37.77 -45.68 1.30
CA ASP D 31 -37.76 -46.64 0.20
C ASP D 31 -39.06 -47.48 0.22
N GLY D 32 -39.49 -47.89 1.41
CA GLY D 32 -40.68 -48.72 1.58
C GLY D 32 -41.90 -47.97 1.12
N TYR D 33 -41.95 -46.68 1.41
CA TYR D 33 -43.08 -45.90 0.99
C TYR D 33 -43.09 -45.86 -0.55
N PHE D 34 -41.97 -45.49 -1.20
CA PHE D 34 -42.04 -45.43 -2.66
C PHE D 34 -42.24 -46.81 -3.30
N LEU D 35 -41.65 -47.85 -2.74
CA LEU D 35 -41.89 -49.17 -3.30
C LEU D 35 -43.39 -49.55 -3.22
N GLN D 36 -44.10 -49.00 -2.26
CA GLN D 36 -45.54 -49.28 -2.14
C GLN D 36 -46.37 -48.43 -3.10
N HIS D 37 -45.99 -47.16 -3.24
CA HIS D 37 -46.85 -46.19 -3.90
C HIS D 37 -46.48 -45.75 -5.31
N TRP D 38 -45.19 -45.78 -5.62
CA TRP D 38 -44.70 -45.27 -6.91
C TRP D 38 -44.99 -46.27 -8.03
N ASN D 39 -45.33 -45.75 -9.20
CA ASN D 39 -45.62 -46.63 -10.34
C ASN D 39 -44.34 -47.11 -11.04
N PHE D 40 -43.65 -48.09 -10.46
CA PHE D 40 -42.51 -48.70 -11.13
C PHE D 40 -43.03 -49.62 -12.24
N PRO D 41 -42.35 -49.65 -13.41
CA PRO D 41 -42.81 -50.48 -14.55
C PRO D 41 -42.60 -51.99 -14.38
N ASN D 42 -41.62 -52.38 -13.56
CA ASN D 42 -41.29 -53.79 -13.45
C ASN D 42 -40.36 -54.03 -12.29
N GLU D 43 -40.01 -55.29 -12.07
CA GLU D 43 -39.23 -55.66 -10.89
C GLU D 43 -37.79 -55.14 -10.99
N LYS D 44 -37.22 -55.18 -12.20
CA LYS D 44 -35.89 -54.60 -12.46
C LYS D 44 -35.81 -53.13 -12.05
N ALA D 45 -36.84 -52.36 -12.39
CA ALA D 45 -36.88 -50.95 -12.02
C ALA D 45 -36.98 -50.75 -10.51
N ARG D 46 -37.70 -51.65 -9.82
CA ARG D 46 -37.81 -51.58 -8.35
C ARG D 46 -36.44 -51.88 -7.73
N LYS D 47 -35.72 -52.86 -8.26
CA LYS D 47 -34.39 -53.18 -7.75
C LYS D 47 -33.39 -52.03 -7.99
N LYS D 48 -33.49 -51.39 -9.14
CA LYS D 48 -32.61 -50.29 -9.49
C LYS D 48 -32.86 -49.08 -8.61
N PHE D 49 -34.14 -48.83 -8.31
CA PHE D 49 -34.52 -47.73 -7.42
C PHE D 49 -33.82 -47.87 -6.06
N VAL D 50 -33.87 -49.09 -5.53
CA VAL D 50 -33.25 -49.44 -4.25
C VAL D 50 -31.71 -49.30 -4.36
N ALA D 51 -31.14 -49.74 -5.47
CA ALA D 51 -29.69 -49.63 -5.68
C ALA D 51 -29.19 -48.17 -5.75
N ALA D 52 -30.05 -47.23 -6.11
CA ALA D 52 -29.63 -45.82 -6.20
C ALA D 52 -29.29 -45.23 -4.82
N GLY D 53 -30.00 -45.67 -3.80
CA GLY D 53 -29.82 -45.13 -2.45
C GLY D 53 -30.20 -43.68 -2.28
N PHE D 54 -31.41 -43.29 -2.69
CA PHE D 54 -31.73 -41.87 -2.69
C PHE D 54 -31.87 -41.33 -1.25
N SER D 55 -32.24 -42.18 -0.31
CA SER D 55 -32.30 -41.69 1.06
C SER D 55 -30.89 -41.57 1.63
N ARG D 56 -29.98 -42.42 1.17
CA ARG D 56 -28.61 -42.27 1.61
C ARG D 56 -27.95 -40.94 1.16
N VAL D 57 -28.25 -40.45 -0.04
CA VAL D 57 -27.63 -39.20 -0.46
C VAL D 57 -28.27 -38.05 0.31
N THR D 58 -29.55 -38.20 0.68
CA THR D 58 -30.20 -37.16 1.44
C THR D 58 -29.56 -37.04 2.81
N CYS D 59 -29.22 -38.19 3.38
CA CYS D 59 -28.62 -38.23 4.71
C CYS D 59 -27.19 -37.72 4.74
N LEU D 60 -26.51 -37.83 3.60
CA LEU D 60 -25.19 -37.21 3.40
C LEU D 60 -25.28 -35.72 3.15
N TYR D 61 -26.37 -35.28 2.55
CA TYR D 61 -26.55 -33.87 2.26
C TYR D 61 -26.90 -33.08 3.49
N PHE D 62 -27.73 -33.68 4.33
CA PHE D 62 -28.24 -32.98 5.49
C PHE D 62 -27.98 -33.80 6.77
N PRO D 63 -26.70 -34.11 7.08
CA PRO D 63 -26.41 -34.98 8.23
C PRO D 63 -26.78 -34.36 9.61
N LYS D 64 -27.04 -33.06 9.68
CA LYS D 64 -27.45 -32.43 10.95
C LYS D 64 -28.89 -31.94 10.90
N ALA D 65 -29.70 -32.59 10.08
CA ALA D 65 -31.14 -32.42 10.14
C ALA D 65 -31.64 -32.94 11.49
N LEU D 66 -32.73 -32.34 11.99
CA LEU D 66 -33.44 -32.89 13.16
C LEU D 66 -33.98 -34.28 12.84
N ASP D 67 -33.93 -35.18 13.82
CA ASP D 67 -34.39 -36.57 13.66
C ASP D 67 -35.84 -36.76 13.18
N ASP D 68 -36.70 -35.80 13.49
CA ASP D 68 -38.09 -35.91 13.08
C ASP D 68 -38.36 -35.12 11.78
N ARG D 69 -37.32 -34.57 11.15
CA ARG D 69 -37.52 -33.80 9.92
C ARG D 69 -36.84 -34.43 8.69
N ILE D 70 -35.82 -35.25 8.93
CA ILE D 70 -35.01 -35.84 7.88
C ILE D 70 -35.84 -36.66 6.86
N HIS D 71 -36.85 -37.42 7.33
CA HIS D 71 -37.68 -38.22 6.42
C HIS D 71 -38.42 -37.35 5.40
N PHE D 72 -38.79 -36.12 5.78
CA PHE D 72 -39.46 -35.25 4.81
C PHE D 72 -38.51 -34.94 3.65
N ALA D 73 -37.21 -34.79 3.96
CA ALA D 73 -36.24 -34.38 2.96
C ALA D 73 -35.94 -35.57 2.07
N CYS D 74 -35.83 -36.76 2.65
CA CYS D 74 -35.64 -37.95 1.86
C CYS D 74 -36.80 -38.14 0.88
N ARG D 75 -38.01 -37.93 1.34
CA ARG D 75 -39.18 -38.05 0.48
C ARG D 75 -39.13 -37.07 -0.65
N LEU D 76 -38.79 -35.81 -0.36
CA LEU D 76 -38.84 -34.81 -1.43
C LEU D 76 -37.73 -35.09 -2.44
N LEU D 77 -36.53 -35.41 -1.98
CA LEU D 77 -35.44 -35.61 -2.95
C LEU D 77 -35.65 -36.89 -3.74
N THR D 78 -36.18 -37.93 -3.09
CA THR D 78 -36.53 -39.17 -3.81
C THR D 78 -37.51 -38.89 -4.91
N VAL D 79 -38.59 -38.17 -4.62
CA VAL D 79 -39.61 -38.02 -5.66
C VAL D 79 -39.06 -37.11 -6.79
N LEU D 80 -38.16 -36.18 -6.45
CA LEU D 80 -37.62 -35.30 -7.49
C LEU D 80 -36.65 -36.09 -8.40
N PHE D 81 -35.83 -36.96 -7.80
CA PHE D 81 -34.99 -37.85 -8.61
C PHE D 81 -35.84 -38.67 -9.56
N LEU D 82 -36.96 -39.20 -9.06
CA LEU D 82 -37.79 -40.08 -9.88
C LEU D 82 -38.37 -39.32 -11.04
N ILE D 83 -38.85 -38.10 -10.80
CA ILE D 83 -39.41 -37.29 -11.89
C ILE D 83 -38.32 -36.84 -12.88
N ASP D 84 -37.15 -36.53 -12.33
CA ASP D 84 -35.96 -36.18 -13.11
C ASP D 84 -35.71 -37.24 -14.21
N ASP D 85 -35.76 -38.50 -13.82
CA ASP D 85 -35.58 -39.60 -14.76
C ASP D 85 -36.71 -39.74 -15.77
N LEU D 86 -37.97 -39.55 -15.36
CA LEU D 86 -39.08 -39.59 -16.30
C LEU D 86 -38.99 -38.49 -17.37
N LEU D 87 -38.54 -37.30 -16.97
CA LEU D 87 -38.55 -36.16 -17.89
C LEU D 87 -37.61 -36.38 -19.07
N GLU D 88 -36.67 -37.28 -18.91
CA GLU D 88 -35.75 -37.55 -20.01
C GLU D 88 -36.44 -38.17 -21.23
N TYR D 89 -37.64 -38.72 -21.05
CA TYR D 89 -38.29 -39.42 -22.14
C TYR D 89 -39.43 -38.58 -22.70
N MET D 90 -39.41 -37.30 -22.34
CA MET D 90 -40.42 -36.38 -22.80
C MET D 90 -39.83 -35.28 -23.64
N SER D 91 -40.65 -34.68 -24.49
CA SER D 91 -40.30 -33.40 -25.10
C SER D 91 -40.23 -32.36 -24.02
N PHE D 92 -39.63 -31.22 -24.32
CA PHE D 92 -39.64 -30.09 -23.40
C PHE D 92 -41.09 -29.63 -23.12
N GLU D 93 -41.95 -29.75 -24.13
CA GLU D 93 -43.34 -29.34 -23.97
C GLU D 93 -44.12 -30.32 -23.07
N GLU D 94 -44.00 -31.62 -23.37
CA GLU D 94 -44.57 -32.68 -22.52
C GLU D 94 -44.01 -32.59 -21.09
N GLY D 95 -42.69 -32.54 -20.98
CA GLY D 95 -42.01 -32.37 -19.70
C GLY D 95 -42.55 -31.17 -18.95
N SER D 96 -42.67 -30.03 -19.63
CA SER D 96 -43.17 -28.83 -18.97
C SER D 96 -44.62 -29.02 -18.50
N ALA D 97 -45.43 -29.65 -19.34
CA ALA D 97 -46.84 -29.89 -19.00
C ALA D 97 -46.96 -30.79 -17.76
N TYR D 98 -46.16 -31.86 -17.73
CA TYR D 98 -46.07 -32.76 -16.58
C TYR D 98 -45.76 -32.02 -15.28
N ASN D 99 -44.69 -31.23 -15.30
CA ASN D 99 -44.32 -30.45 -14.12
C ASN D 99 -45.33 -29.37 -13.71
N GLU D 100 -45.90 -28.65 -14.67
CA GLU D 100 -46.83 -27.58 -14.33
C GLU D 100 -48.08 -28.15 -13.61
N LYS D 101 -48.50 -29.35 -14.00
CA LYS D 101 -49.58 -30.08 -13.33
C LYS D 101 -49.33 -30.26 -11.81
N LEU D 102 -48.08 -30.52 -11.44
CA LEU D 102 -47.69 -30.79 -10.05
C LEU D 102 -47.54 -29.56 -9.18
N ILE D 103 -47.41 -28.40 -9.82
CA ILE D 103 -47.14 -27.16 -9.08
C ILE D 103 -48.35 -26.68 -8.23
N PRO D 104 -49.57 -26.58 -8.82
CA PRO D 104 -50.71 -26.22 -7.95
C PRO D 104 -51.02 -27.30 -6.92
N ILE D 105 -50.66 -28.53 -7.26
CA ILE D 105 -50.85 -29.65 -6.33
C ILE D 105 -49.88 -29.57 -5.18
N SER D 106 -48.63 -29.14 -5.45
CA SER D 106 -47.62 -29.04 -4.39
C SER D 106 -48.03 -27.93 -3.41
N ARG D 107 -48.63 -26.89 -3.96
CA ARG D 107 -49.14 -25.76 -3.17
C ARG D 107 -50.32 -26.15 -2.29
N GLY D 108 -50.96 -27.27 -2.61
CA GLY D 108 -52.17 -27.69 -1.90
C GLY D 108 -53.42 -27.02 -2.43
N ASP D 109 -53.29 -26.22 -3.49
CA ASP D 109 -54.44 -25.49 -4.04
C ASP D 109 -55.37 -26.39 -4.83
N VAL D 110 -54.86 -27.54 -5.26
CA VAL D 110 -55.60 -28.43 -6.14
C VAL D 110 -55.48 -29.86 -5.60
N LEU D 111 -56.58 -30.59 -5.62
CA LEU D 111 -56.56 -31.98 -5.15
C LEU D 111 -55.92 -32.85 -6.23
N PRO D 112 -55.19 -33.88 -5.79
CA PRO D 112 -54.61 -34.90 -6.68
C PRO D 112 -55.65 -35.82 -7.28
N ASP D 113 -55.34 -36.35 -8.46
CA ASP D 113 -56.08 -37.50 -8.96
C ASP D 113 -55.47 -38.70 -8.26
N ARG D 114 -56.21 -39.30 -7.31
CA ARG D 114 -55.68 -40.40 -6.48
C ARG D 114 -55.41 -41.65 -7.28
N SER D 115 -55.78 -41.64 -8.55
CA SER D 115 -55.47 -42.80 -9.39
C SER D 115 -54.08 -42.62 -10.03
N ILE D 116 -53.51 -41.43 -9.87
CA ILE D 116 -52.18 -41.09 -10.41
C ILE D 116 -51.16 -40.89 -9.26
N PRO D 117 -50.36 -41.92 -8.96
CA PRO D 117 -49.46 -41.86 -7.80
C PRO D 117 -48.58 -40.60 -7.71
N VAL D 118 -48.00 -40.08 -8.80
CA VAL D 118 -47.13 -38.92 -8.62
C VAL D 118 -47.96 -37.75 -8.03
N GLU D 119 -49.22 -37.59 -8.46
CA GLU D 119 -50.01 -36.45 -7.97
C GLU D 119 -50.29 -36.56 -6.48
N TYR D 120 -50.68 -37.75 -6.01
CA TYR D 120 -51.08 -37.83 -4.60
C TYR D 120 -49.86 -37.99 -3.72
N ILE D 121 -48.77 -38.58 -4.24
CA ILE D 121 -47.52 -38.60 -3.45
C ILE D 121 -47.02 -37.17 -3.18
N ILE D 122 -47.07 -36.34 -4.21
CA ILE D 122 -46.62 -34.94 -4.10
C ILE D 122 -47.58 -34.21 -3.16
N TYR D 123 -48.88 -34.39 -3.41
CA TYR D 123 -49.91 -33.75 -2.58
C TYR D 123 -49.74 -34.08 -1.10
N ASP D 124 -49.66 -35.37 -0.79
CA ASP D 124 -49.58 -35.80 0.60
C ASP D 124 -48.29 -35.32 1.26
N LEU D 125 -47.18 -35.39 0.52
CA LEU D 125 -45.88 -34.94 1.03
C LEU D 125 -45.90 -33.49 1.49
N TRP D 126 -46.34 -32.60 0.61
CA TRP D 126 -46.30 -31.17 0.96
C TRP D 126 -47.29 -30.88 2.09
N GLU D 127 -48.45 -31.52 2.06
CA GLU D 127 -49.42 -31.35 3.15
C GLU D 127 -48.73 -31.70 4.46
N SER D 128 -48.06 -32.85 4.52
CA SER D 128 -47.42 -33.27 5.75
C SER D 128 -46.33 -32.28 6.19
N MET D 129 -45.53 -31.80 5.25
CA MET D 129 -44.51 -30.82 5.60
C MET D 129 -45.06 -29.52 6.18
N ARG D 130 -46.13 -28.96 5.59
CA ARG D 130 -46.73 -27.74 6.08
C ARG D 130 -47.41 -27.98 7.43
N ALA D 131 -47.79 -29.24 7.64
CA ALA D 131 -48.42 -29.63 8.87
C ALA D 131 -47.40 -29.63 9.99
N HIS D 132 -46.12 -29.77 9.62
CA HIS D 132 -45.08 -29.87 10.64
C HIS D 132 -44.45 -28.49 10.90
N ASP D 133 -44.37 -27.67 9.86
CA ASP D 133 -43.82 -26.32 9.98
C ASP D 133 -44.21 -25.50 8.74
N ARG D 134 -45.29 -24.75 8.87
CA ARG D 134 -45.91 -24.12 7.72
C ARG D 134 -44.99 -23.09 7.10
N GLU D 135 -44.29 -22.36 7.97
CA GLU D 135 -43.53 -21.20 7.56
C GLU D 135 -42.38 -21.65 6.67
N MET D 136 -41.60 -22.59 7.20
CA MET D 136 -40.40 -23.08 6.52
C MET D 136 -40.72 -23.95 5.29
N ALA D 137 -41.82 -24.69 5.37
CA ALA D 137 -42.22 -25.57 4.27
C ALA D 137 -42.55 -24.72 3.06
N ASP D 138 -43.24 -23.60 3.32
CA ASP D 138 -43.60 -22.67 2.28
C ASP D 138 -42.38 -22.06 1.58
N GLU D 139 -41.26 -21.97 2.30
CA GLU D 139 -40.06 -21.36 1.73
C GLU D 139 -39.42 -22.26 0.68
N ILE D 140 -39.77 -23.55 0.69
CA ILE D 140 -39.17 -24.46 -0.29
C ILE D 140 -39.88 -24.42 -1.64
N LEU D 141 -41.10 -23.92 -1.65
CA LEU D 141 -41.97 -24.04 -2.84
C LEU D 141 -41.47 -23.34 -4.11
N GLU D 142 -41.22 -22.03 -4.02
CA GLU D 142 -40.73 -21.33 -5.20
C GLU D 142 -39.34 -21.86 -5.66
N PRO D 143 -38.41 -22.16 -4.71
CA PRO D 143 -37.16 -22.85 -5.10
C PRO D 143 -37.39 -24.11 -5.93
N VAL D 144 -38.38 -24.91 -5.56
CA VAL D 144 -38.65 -26.15 -6.24
C VAL D 144 -39.20 -25.84 -7.62
N PHE D 145 -40.09 -24.84 -7.70
CA PHE D 145 -40.73 -24.55 -8.99
C PHE D 145 -39.69 -23.98 -9.95
N LEU D 146 -38.70 -23.30 -9.38
CA LEU D 146 -37.58 -22.73 -10.10
C LEU D 146 -36.81 -23.83 -10.79
N PHE D 147 -36.46 -24.82 -9.97
CA PHE D 147 -35.74 -25.99 -10.41
C PHE D 147 -36.54 -26.75 -11.47
N MET D 148 -37.83 -26.92 -11.21
CA MET D 148 -38.71 -27.65 -12.11
C MET D 148 -38.82 -26.98 -13.47
N ARG D 149 -38.92 -25.65 -13.47
CA ARG D 149 -39.06 -24.95 -14.72
C ARG D 149 -37.73 -24.98 -15.48
N ALA D 150 -36.61 -25.02 -14.76
CA ALA D 150 -35.28 -25.13 -15.36
C ALA D 150 -35.11 -26.43 -16.12
N GLN D 151 -35.65 -27.50 -15.57
CA GLN D 151 -35.45 -28.81 -16.16
C GLN D 151 -35.95 -28.90 -17.58
N THR D 152 -36.96 -28.09 -17.93
CA THR D 152 -37.49 -28.21 -19.29
C THR D 152 -37.24 -26.95 -20.06
N ASP D 153 -36.33 -26.13 -19.54
CA ASP D 153 -35.92 -24.91 -20.19
C ASP D 153 -35.27 -25.21 -21.57
N ARG D 154 -35.84 -24.67 -22.66
CA ARG D 154 -35.31 -24.92 -24.00
C ARG D 154 -33.84 -24.45 -24.15
N THR D 155 -33.36 -23.66 -23.19
CA THR D 155 -31.96 -23.25 -23.18
C THR D 155 -31.00 -24.43 -23.05
N ARG D 156 -31.53 -25.61 -22.70
CA ARG D 156 -30.70 -26.82 -22.72
C ARG D 156 -30.35 -27.19 -24.15
N ALA D 157 -31.13 -26.65 -25.09
CA ALA D 157 -30.97 -27.01 -26.50
C ALA D 157 -30.27 -25.89 -27.28
N ARG D 158 -29.57 -25.04 -26.54
CA ARG D 158 -28.88 -23.87 -27.06
C ARG D 158 -27.40 -23.99 -26.68
N PRO D 159 -26.48 -23.55 -27.57
CA PRO D 159 -25.05 -23.64 -27.25
C PRO D 159 -24.70 -22.77 -26.04
N MET D 160 -23.86 -23.28 -25.15
CA MET D 160 -23.47 -22.57 -23.94
C MET D 160 -21.97 -22.74 -23.71
N GLY D 161 -21.32 -21.69 -23.22
CA GLY D 161 -19.94 -21.81 -22.78
C GLY D 161 -19.97 -22.19 -21.31
N LEU D 162 -18.81 -22.40 -20.72
CA LEU D 162 -18.77 -22.91 -19.34
C LEU D 162 -19.40 -21.93 -18.32
N GLY D 163 -19.14 -20.63 -18.46
CA GLY D 163 -19.71 -19.63 -17.57
C GLY D 163 -21.23 -19.54 -17.60
N GLY D 164 -21.80 -19.47 -18.80
CA GLY D 164 -23.24 -19.46 -18.98
C GLY D 164 -23.85 -20.77 -18.48
N TYR D 165 -23.16 -21.88 -18.74
CA TYR D 165 -23.65 -23.18 -18.28
C TYR D 165 -23.81 -23.24 -16.77
N LEU D 166 -22.78 -22.80 -16.04
CA LEU D 166 -22.82 -22.80 -14.59
C LEU D 166 -23.97 -21.93 -14.03
N GLU D 167 -24.31 -20.82 -14.70
CA GLU D 167 -25.42 -20.00 -14.23
C GLU D 167 -26.74 -20.71 -14.46
N TYR D 168 -26.89 -21.34 -15.62
CA TYR D 168 -28.04 -22.18 -15.87
C TYR D 168 -28.10 -23.36 -14.88
N ARG D 169 -26.97 -24.05 -14.65
CA ARG D 169 -26.97 -25.27 -13.83
C ARG D 169 -27.40 -25.04 -12.42
N GLU D 170 -27.15 -23.83 -11.91
CA GLU D 170 -27.51 -23.51 -10.55
C GLU D 170 -28.98 -23.86 -10.32
N ARG D 171 -29.83 -23.52 -11.28
CA ARG D 171 -31.25 -23.78 -11.20
C ARG D 171 -31.56 -25.24 -11.48
N ASP D 172 -30.86 -25.83 -12.46
CA ASP D 172 -31.16 -27.20 -12.87
C ASP D 172 -30.69 -28.23 -11.84
N VAL D 173 -29.68 -27.88 -11.05
CA VAL D 173 -29.16 -28.80 -10.04
C VAL D 173 -29.94 -28.63 -8.70
N GLY D 174 -30.78 -27.61 -8.65
CA GLY D 174 -31.60 -27.34 -7.46
C GLY D 174 -30.88 -26.78 -6.23
N LYS D 175 -29.86 -25.96 -6.45
CA LYS D 175 -29.07 -25.39 -5.37
C LYS D 175 -29.94 -24.67 -4.32
N GLU D 176 -30.87 -23.88 -4.83
CA GLU D 176 -31.67 -23.04 -3.97
C GLU D 176 -32.68 -23.92 -3.20
N LEU D 177 -33.23 -24.95 -3.84
CA LEU D 177 -34.15 -25.82 -3.11
C LEU D 177 -33.37 -26.65 -2.12
N LEU D 178 -32.15 -27.05 -2.43
CA LEU D 178 -31.36 -27.76 -1.43
C LEU D 178 -31.07 -26.88 -0.22
N ALA D 179 -30.91 -25.57 -0.46
CA ALA D 179 -30.67 -24.64 0.66
C ALA D 179 -31.92 -24.53 1.54
N ALA D 180 -33.06 -24.22 0.92
CA ALA D 180 -34.33 -24.09 1.64
C ALA D 180 -34.72 -25.40 2.32
N LEU D 181 -34.42 -26.52 1.68
CA LEU D 181 -34.66 -27.83 2.29
C LEU D 181 -33.69 -28.08 3.45
N MET D 182 -32.42 -27.76 3.26
CA MET D 182 -31.46 -27.92 4.35
C MET D 182 -31.92 -27.15 5.59
N ARG D 183 -32.39 -25.94 5.36
CA ARG D 183 -32.81 -25.07 6.45
C ARG D 183 -34.07 -25.63 7.12
N PHE D 184 -35.10 -25.93 6.31
CA PHE D 184 -36.30 -26.64 6.80
C PHE D 184 -35.93 -27.80 7.70
N SER D 185 -35.07 -28.68 7.22
CA SER D 185 -34.79 -29.92 7.93
C SER D 185 -34.01 -29.71 9.23
N MET D 186 -33.48 -28.51 9.42
CA MET D 186 -32.67 -28.23 10.60
C MET D 186 -33.32 -27.22 11.54
N GLY D 187 -34.47 -26.69 11.10
CA GLY D 187 -35.15 -25.61 11.79
C GLY D 187 -34.37 -24.30 11.79
N LEU D 188 -33.38 -24.21 10.89
CA LEU D 188 -32.48 -23.06 10.79
C LEU D 188 -33.14 -21.84 10.11
N LYS D 189 -33.55 -20.85 10.91
CA LYS D 189 -34.16 -19.66 10.32
C LYS D 189 -33.07 -18.59 10.11
N LEU D 190 -33.21 -17.83 9.03
CA LEU D 190 -32.26 -16.78 8.74
C LEU D 190 -33.00 -15.55 8.26
N SER D 191 -32.54 -14.41 8.74
CA SER D 191 -33.10 -13.12 8.38
C SER D 191 -32.82 -12.82 6.93
N PRO D 192 -33.66 -11.98 6.30
CA PRO D 192 -33.41 -11.52 4.92
C PRO D 192 -32.01 -10.89 4.74
N SER D 193 -31.45 -10.36 5.83
CA SER D 193 -30.09 -9.79 5.82
C SER D 193 -29.02 -10.87 5.81
N GLU D 194 -29.22 -11.91 6.60
CA GLU D 194 -28.28 -13.02 6.67
C GLU D 194 -28.19 -13.75 5.32
N LEU D 195 -29.32 -13.85 4.62
CA LEU D 195 -29.40 -14.59 3.36
C LEU D 195 -28.74 -13.81 2.21
N GLN D 196 -28.71 -12.49 2.32
CA GLN D 196 -28.06 -11.64 1.34
C GLN D 196 -26.54 -11.75 1.44
N ARG D 197 -26.02 -11.89 2.65
CA ARG D 197 -24.58 -11.97 2.89
C ARG D 197 -23.90 -13.18 2.27
N VAL D 198 -24.67 -14.24 2.04
CA VAL D 198 -24.07 -15.50 1.60
C VAL D 198 -24.38 -15.80 0.14
N ARG D 199 -24.91 -14.82 -0.57
CA ARG D 199 -25.28 -15.02 -1.96
C ARG D 199 -24.06 -15.44 -2.80
N GLU D 200 -22.89 -14.99 -2.40
CA GLU D 200 -21.67 -15.31 -3.12
C GLU D 200 -21.15 -16.69 -2.75
N ILE D 201 -21.29 -17.04 -1.48
CA ILE D 201 -20.90 -18.37 -1.02
C ILE D 201 -21.83 -19.43 -1.66
N ASP D 202 -23.09 -19.05 -1.86
CA ASP D 202 -24.08 -19.95 -2.50
C ASP D 202 -23.72 -20.25 -3.95
N ALA D 203 -23.40 -19.19 -4.70
CA ALA D 203 -23.14 -19.30 -6.12
C ALA D 203 -21.93 -20.20 -6.37
N ASN D 204 -20.94 -20.09 -5.49
CA ASN D 204 -19.72 -20.89 -5.59
C ASN D 204 -20.03 -22.35 -5.29
N CYS D 205 -20.71 -22.58 -4.17
CA CYS D 205 -21.15 -23.93 -3.80
C CYS D 205 -21.96 -24.61 -4.95
N SER D 206 -22.84 -23.87 -5.62
CA SER D 206 -23.60 -24.42 -6.73
C SER D 206 -22.69 -25.01 -7.81
N LYS D 207 -21.56 -24.34 -8.08
CA LYS D 207 -20.62 -24.81 -9.12
C LYS D 207 -20.07 -26.15 -8.77
N HIS D 208 -19.69 -26.31 -7.50
CA HIS D 208 -19.10 -27.57 -7.02
C HIS D 208 -20.11 -28.73 -7.11
N LEU D 209 -21.36 -28.47 -6.73
CA LEU D 209 -22.38 -29.54 -6.76
C LEU D 209 -22.64 -29.93 -8.19
N SER D 210 -22.81 -28.89 -8.99
CA SER D 210 -23.08 -29.04 -10.40
C SER D 210 -22.04 -29.93 -11.08
N VAL D 211 -20.76 -29.59 -10.90
CA VAL D 211 -19.70 -30.21 -11.70
C VAL D 211 -19.30 -31.56 -11.16
N VAL D 212 -19.33 -31.72 -9.83
CA VAL D 212 -19.05 -33.05 -9.26
C VAL D 212 -20.10 -34.06 -9.75
N ASN D 213 -21.35 -33.62 -9.79
CA ASN D 213 -22.39 -34.47 -10.34
C ASN D 213 -22.16 -34.75 -11.84
N ASP D 214 -21.89 -33.69 -12.59
CA ASP D 214 -21.56 -33.81 -14.00
C ASP D 214 -20.48 -34.87 -14.22
N ILE D 215 -19.42 -34.84 -13.42
CA ILE D 215 -18.32 -35.77 -13.59
C ILE D 215 -18.76 -37.20 -13.38
N TYR D 216 -19.40 -37.49 -12.26
CA TYR D 216 -19.80 -38.87 -11.98
C TYR D 216 -21.01 -39.36 -12.80
N SER D 217 -21.91 -38.44 -13.16
CA SER D 217 -23.10 -38.89 -13.86
C SER D 217 -22.92 -38.89 -15.39
N TYR D 218 -21.71 -38.54 -15.85
CA TYR D 218 -21.50 -38.38 -17.31
C TYR D 218 -21.84 -39.65 -18.13
N GLU D 219 -21.33 -40.79 -17.71
CA GLU D 219 -21.59 -42.00 -18.47
C GLU D 219 -23.06 -42.35 -18.55
N LYS D 220 -23.77 -42.08 -17.46
CA LYS D 220 -25.22 -42.27 -17.42
C LYS D 220 -25.92 -41.30 -18.38
N GLU D 221 -25.53 -40.03 -18.35
CA GLU D 221 -26.19 -39.05 -19.15
C GLU D 221 -25.87 -39.19 -20.63
N LEU D 222 -24.70 -39.74 -20.91
CA LEU D 222 -24.26 -39.99 -22.27
C LEU D 222 -25.14 -41.08 -22.89
N TYR D 223 -25.28 -42.19 -22.18
CA TYR D 223 -26.14 -43.27 -22.59
C TYR D 223 -27.55 -42.76 -22.85
N THR D 224 -28.08 -42.02 -21.89
CA THR D 224 -29.37 -41.39 -22.04
C THR D 224 -29.47 -40.52 -23.29
N SER D 225 -28.42 -39.74 -23.61
CA SER D 225 -28.56 -38.79 -24.71
C SER D 225 -28.67 -39.54 -26.04
N LYS D 226 -28.26 -40.81 -26.02
CA LYS D 226 -28.32 -41.69 -27.18
C LYS D 226 -29.62 -42.51 -27.30
N THR D 227 -30.39 -42.60 -26.21
CA THR D 227 -31.49 -43.56 -26.22
C THR D 227 -32.85 -42.98 -25.78
N ALA D 228 -32.85 -41.81 -25.18
CA ALA D 228 -34.10 -41.20 -24.76
C ALA D 228 -34.62 -40.20 -25.78
N HIS D 229 -35.33 -39.19 -25.28
CA HIS D 229 -35.98 -38.21 -26.13
C HIS D 229 -35.03 -37.12 -26.62
N SER D 230 -35.12 -36.77 -27.91
CA SER D 230 -34.18 -35.81 -28.51
C SER D 230 -34.13 -34.48 -27.73
N GLU D 231 -35.20 -34.13 -27.02
CA GLU D 231 -35.17 -32.94 -26.18
C GLU D 231 -34.87 -33.29 -24.72
N GLY D 232 -35.75 -34.06 -24.07
CA GLY D 232 -35.56 -34.36 -22.65
C GLY D 232 -34.24 -35.02 -22.33
N GLY D 233 -33.69 -35.77 -23.29
CA GLY D 233 -32.51 -36.55 -23.02
C GLY D 233 -31.22 -35.88 -23.48
N ILE D 234 -31.32 -34.66 -23.98
CA ILE D 234 -30.19 -33.94 -24.56
C ILE D 234 -29.03 -33.81 -23.56
N LEU D 235 -27.82 -34.08 -24.03
CA LEU D 235 -26.63 -33.96 -23.22
C LEU D 235 -26.32 -32.48 -22.94
N CYS D 236 -26.33 -32.10 -21.68
CA CYS D 236 -26.08 -30.72 -21.30
C CYS D 236 -25.27 -30.77 -20.03
N THR D 237 -23.94 -30.72 -20.16
CA THR D 237 -23.05 -31.05 -19.05
C THR D 237 -21.67 -30.39 -19.21
N SER D 238 -21.07 -29.98 -18.09
CA SER D 238 -19.75 -29.36 -18.15
C SER D 238 -18.66 -30.25 -18.77
N VAL D 239 -18.79 -31.58 -18.64
CA VAL D 239 -17.83 -32.54 -19.20
C VAL D 239 -17.76 -32.41 -20.74
N GLN D 240 -18.92 -32.23 -21.36
CA GLN D 240 -18.97 -32.14 -22.81
C GLN D 240 -18.57 -30.74 -23.20
N ILE D 241 -18.99 -29.72 -22.43
CA ILE D 241 -18.65 -28.36 -22.82
C ILE D 241 -17.13 -28.16 -22.78
N LEU D 242 -16.50 -28.69 -21.74
CA LEU D 242 -15.05 -28.55 -21.64
C LEU D 242 -14.31 -29.40 -22.68
N ALA D 243 -14.83 -30.60 -22.95
CA ALA D 243 -14.22 -31.46 -23.94
C ALA D 243 -14.20 -30.77 -25.28
N GLN D 244 -15.27 -30.08 -25.65
CA GLN D 244 -15.29 -29.48 -26.98
C GLN D 244 -14.54 -28.15 -26.99
N GLU D 245 -14.63 -27.37 -25.91
CA GLU D 245 -13.85 -26.11 -25.82
C GLU D 245 -12.33 -26.36 -25.86
N ALA D 246 -11.86 -27.41 -25.18
CA ALA D 246 -10.42 -27.66 -25.09
C ALA D 246 -9.91 -28.70 -26.07
N ASP D 247 -10.83 -29.29 -26.82
CA ASP D 247 -10.54 -30.45 -27.66
C ASP D 247 -9.78 -31.51 -26.92
N VAL D 248 -10.46 -32.09 -25.93
CA VAL D 248 -9.96 -33.30 -25.29
C VAL D 248 -11.11 -34.31 -25.16
N THR D 249 -10.79 -35.52 -24.74
CA THR D 249 -11.81 -36.55 -24.51
C THR D 249 -12.62 -36.22 -23.26
N ALA D 250 -13.77 -36.87 -23.13
CA ALA D 250 -14.58 -36.69 -21.93
C ALA D 250 -13.79 -37.05 -20.69
N GLU D 251 -13.01 -38.13 -20.75
CA GLU D 251 -12.20 -38.58 -19.61
C GLU D 251 -11.17 -37.54 -19.19
N ALA D 252 -10.55 -36.88 -20.17
CA ALA D 252 -9.60 -35.84 -19.86
C ALA D 252 -10.31 -34.67 -19.23
N ALA D 253 -11.47 -34.29 -19.77
CA ALA D 253 -12.19 -33.14 -19.24
C ALA D 253 -12.61 -33.42 -17.80
N LYS D 254 -12.96 -34.67 -17.50
CA LYS D 254 -13.32 -35.01 -16.13
C LYS D 254 -12.13 -34.77 -15.17
N ARG D 255 -10.92 -35.18 -15.57
CA ARG D 255 -9.76 -34.98 -14.69
C ARG D 255 -9.49 -33.47 -14.46
N VAL D 256 -9.67 -32.65 -15.48
CA VAL D 256 -9.48 -31.20 -15.36
C VAL D 256 -10.57 -30.57 -14.47
N LEU D 257 -11.83 -30.90 -14.75
CA LEU D 257 -12.94 -30.39 -13.94
C LEU D 257 -12.79 -30.75 -12.46
N PHE D 258 -12.26 -31.92 -12.19
CA PHE D 258 -12.09 -32.34 -10.83
C PHE D 258 -11.14 -31.40 -10.09
N VAL D 259 -10.06 -31.02 -10.77
CA VAL D 259 -9.11 -30.05 -10.19
C VAL D 259 -9.81 -28.70 -9.97
N MET D 260 -10.66 -28.31 -10.90
CA MET D 260 -11.44 -27.10 -10.72
CA MET D 260 -11.48 -27.12 -10.76
C MET D 260 -12.37 -27.20 -9.51
N CYS D 261 -12.93 -28.39 -9.26
CA CYS D 261 -13.78 -28.60 -8.09
C CYS D 261 -13.03 -28.30 -6.80
N ARG D 262 -11.82 -28.84 -6.66
CA ARG D 262 -10.98 -28.54 -5.49
C ARG D 262 -10.65 -27.06 -5.30
N GLU D 263 -10.60 -26.30 -6.39
CA GLU D 263 -10.37 -24.87 -6.26
C GLU D 263 -11.62 -24.19 -5.74
N TRP D 264 -12.81 -24.69 -6.11
CA TRP D 264 -14.04 -24.07 -5.58
C TRP D 264 -14.15 -24.34 -4.08
N GLU D 265 -13.61 -25.49 -3.66
CA GLU D 265 -13.46 -25.86 -2.24
C GLU D 265 -12.59 -24.85 -1.47
N LEU D 266 -11.36 -24.65 -1.96
CA LEU D 266 -10.49 -23.62 -1.41
C LEU D 266 -11.23 -22.29 -1.37
N ARG D 267 -11.90 -21.92 -2.46
CA ARG D 267 -12.61 -20.64 -2.49
C ARG D 267 -13.76 -20.55 -1.45
N HIS D 268 -14.36 -21.70 -1.17
CA HIS D 268 -15.43 -21.77 -0.17
C HIS D 268 -14.83 -21.38 1.18
N GLN D 269 -13.77 -22.06 1.57
CA GLN D 269 -13.03 -21.71 2.77
C GLN D 269 -12.65 -20.23 2.82
N LEU D 270 -12.17 -19.68 1.72
CA LEU D 270 -11.78 -18.29 1.70
C LEU D 270 -12.96 -17.36 1.96
N LEU D 271 -14.07 -17.55 1.23
CA LEU D 271 -15.24 -16.67 1.38
C LEU D 271 -15.83 -16.74 2.79
N VAL D 272 -15.67 -17.90 3.44
CA VAL D 272 -16.20 -18.14 4.78
C VAL D 272 -15.39 -17.38 5.82
N ALA D 273 -14.08 -17.63 5.85
CA ALA D 273 -13.15 -16.85 6.69
C ALA D 273 -13.33 -15.34 6.46
N ARG D 274 -13.46 -14.94 5.21
CA ARG D 274 -13.72 -13.54 4.89
C ARG D 274 -15.00 -13.00 5.54
N LEU D 275 -16.04 -13.84 5.65
CA LEU D 275 -17.29 -13.41 6.29
C LEU D 275 -17.10 -13.34 7.80
N SER D 276 -16.22 -14.20 8.30
CA SER D 276 -15.88 -14.33 9.72
C SER D 276 -14.91 -13.23 10.18
N ALA D 277 -13.89 -12.98 9.37
CA ALA D 277 -12.91 -11.92 9.65
C ALA D 277 -13.59 -10.56 9.79
N GLU D 278 -14.55 -10.26 8.91
CA GLU D 278 -15.38 -9.06 9.04
C GLU D 278 -16.35 -9.15 10.21
N GLY D 279 -16.46 -10.34 10.81
CA GLY D 279 -17.30 -10.54 11.98
C GLY D 279 -18.79 -10.65 11.73
N LEU D 280 -19.19 -10.61 10.46
CA LEU D 280 -20.60 -10.75 10.05
C LEU D 280 -21.14 -12.17 10.25
N GLU D 281 -20.23 -13.10 10.49
CA GLU D 281 -20.54 -14.48 10.82
C GLU D 281 -21.45 -14.61 12.05
N THR D 282 -22.76 -14.59 11.83
CA THR D 282 -23.73 -14.84 12.91
C THR D 282 -23.72 -16.34 13.27
N PRO D 283 -24.30 -16.72 14.42
CA PRO D 283 -24.42 -18.16 14.71
C PRO D 283 -25.31 -18.89 13.69
N GLY D 284 -26.32 -18.19 13.15
CA GLY D 284 -27.19 -18.75 12.14
C GLY D 284 -26.47 -18.94 10.81
N LEU D 285 -25.66 -17.94 10.45
CA LEU D 285 -24.88 -18.00 9.22
C LEU D 285 -23.76 -19.05 9.33
N ALA D 286 -23.27 -19.31 10.54
CA ALA D 286 -22.15 -20.26 10.70
C ALA D 286 -22.59 -21.69 10.50
N ALA D 287 -23.77 -22.03 11.01
CA ALA D 287 -24.32 -23.37 10.80
C ALA D 287 -24.59 -23.62 9.31
N TYR D 288 -25.19 -22.64 8.65
CA TYR D 288 -25.49 -22.71 7.22
C TYR D 288 -24.27 -22.98 6.33
N VAL D 289 -23.14 -22.34 6.59
CA VAL D 289 -22.02 -22.54 5.67
C VAL D 289 -21.29 -23.84 5.98
N GLU D 290 -21.42 -24.33 7.21
CA GLU D 290 -20.90 -25.65 7.50
C GLU D 290 -21.81 -26.70 6.85
N GLY D 291 -23.08 -26.32 6.67
CA GLY D 291 -24.07 -27.22 6.13
C GLY D 291 -23.86 -27.33 4.63
N LEU D 292 -23.47 -26.20 4.01
CA LEU D 292 -23.15 -26.14 2.58
C LEU D 292 -21.96 -27.04 2.31
N GLU D 293 -21.00 -27.07 3.24
CA GLU D 293 -19.84 -27.95 3.07
C GLU D 293 -20.18 -29.45 3.18
N TYR D 294 -21.17 -29.78 3.99
CA TYR D 294 -21.66 -31.13 4.05
C TYR D 294 -22.35 -31.55 2.74
N GLN D 295 -23.09 -30.62 2.14
CA GLN D 295 -23.72 -30.86 0.86
C GLN D 295 -22.65 -31.23 -0.19
N MET D 296 -21.60 -30.42 -0.28
CA MET D 296 -20.53 -30.67 -1.26
C MET D 296 -19.82 -31.98 -1.06
N SER D 297 -19.38 -32.24 0.17
CA SER D 297 -18.62 -33.46 0.44
C SER D 297 -19.53 -34.71 0.46
N GLY D 298 -20.77 -34.54 0.91
CA GLY D 298 -21.71 -35.65 0.93
C GLY D 298 -22.09 -36.06 -0.49
N ALA D 299 -22.41 -35.06 -1.31
CA ALA D 299 -22.72 -35.29 -2.72
C ALA D 299 -21.62 -36.10 -3.38
N GLU D 300 -20.38 -35.68 -3.16
CA GLU D 300 -19.25 -36.39 -3.76
C GLU D 300 -19.05 -37.83 -3.30
N LEU D 301 -19.19 -38.08 -2.00
CA LEU D 301 -19.09 -39.44 -1.49
C LEU D 301 -20.15 -40.37 -2.10
N TRP D 302 -21.40 -39.92 -2.06
CA TRP D 302 -22.49 -40.69 -2.66
C TRP D 302 -22.22 -40.97 -4.15
N SER D 303 -21.87 -39.91 -4.85
CA SER D 303 -21.64 -39.99 -6.30
C SER D 303 -20.58 -41.04 -6.62
N GLN D 304 -19.57 -41.10 -5.76
CA GLN D 304 -18.45 -42.03 -5.94
C GLN D 304 -18.85 -43.47 -5.82
N THR D 305 -19.93 -43.72 -5.09
CA THR D 305 -20.27 -45.07 -4.68
C THR D 305 -21.62 -45.59 -5.24
N THR D 306 -22.58 -44.69 -5.51
CA THR D 306 -23.93 -45.13 -5.88
C THR D 306 -23.95 -45.92 -7.18
N LEU D 307 -24.71 -47.00 -7.20
CA LEU D 307 -24.84 -47.82 -8.40
C LEU D 307 -25.61 -47.07 -9.49
N ARG D 308 -26.25 -45.96 -9.13
CA ARG D 308 -26.93 -45.13 -10.13
C ARG D 308 -25.94 -44.71 -11.19
N TYR D 309 -24.70 -44.45 -10.76
CA TYR D 309 -23.71 -43.89 -11.69
C TYR D 309 -22.73 -44.91 -12.25
N SER D 310 -22.53 -46.01 -11.52
CA SER D 310 -21.54 -47.01 -11.95
C SER D 310 -22.15 -48.11 -12.81
N VAL D 311 -23.45 -48.33 -12.68
CA VAL D 311 -24.13 -49.36 -13.45
C VAL D 311 -25.28 -48.77 -14.25
N VAL D 312 -25.00 -48.39 -15.50
CA VAL D 312 -26.01 -47.81 -16.37
C VAL D 312 -26.72 -48.89 -17.18
#